data_7NDF
#
_entry.id   7NDF
#
_cell.length_a   63.530
_cell.length_b   99.300
_cell.length_c   142.450
_cell.angle_alpha   90.000
_cell.angle_beta   90.000
_cell.angle_gamma   90.000
#
_symmetry.space_group_name_H-M   'P 21 21 21'
#
loop_
_entity.id
_entity.type
_entity.pdbx_description
1 polymer 'Nb_MsbA 1'
2 polymer 'Lipid A ABC transporter ATP-binding protein/permease MsbA'
3 water water
#
loop_
_entity_poly.entity_id
_entity_poly.type
_entity_poly.pdbx_seq_one_letter_code
_entity_poly.pdbx_strand_id
1 'polypeptide(L)'
;GPSQMQLVESGGGLVQAGGSLRLSCAVSGSIFSIITLAWYRQAPGKPRENVATITRGSRTSYADSVKGRFTISKDNAKST
VYLQMNKLKPEDTADYYCNAEGPAGYWGQGTPVTVS
;
C,D
2 'polypeptide(L)'
;SGDVEFRNVTFTYPGRDVPALRNINLKIPAGKTVALVGRSGSGKSTIASLITRFYDIDEGEILMDGHDLREYTLASLRNQ
VALVSQNVHLFNDTVANNIAYARTEQYSREQIEEAARMAYAMDFINKMDNGLDTVIGENGVLLSGGQRQRIAIARALLRD
SPILILDEATSALDTESERAIQAALDELQKNRTSLVIAHRLSTIEKADEIVVVEDGVIVERGTHNDLLEHRGVYAQLHKM
QFGQA
;
A,B
#
# COMPACT_ATOMS: atom_id res chain seq x y z
N GLN A 4 -24.85 21.51 -10.16
CA GLN A 4 -24.21 22.65 -9.50
C GLN A 4 -25.09 23.24 -8.39
N MET A 5 -24.48 23.52 -7.24
CA MET A 5 -25.20 24.11 -6.13
C MET A 5 -25.71 25.52 -6.46
N GLN A 6 -26.93 25.82 -6.02
CA GLN A 6 -27.53 27.13 -6.19
C GLN A 6 -28.06 27.59 -4.84
N LEU A 7 -27.76 28.84 -4.49
CA LEU A 7 -28.30 29.50 -3.30
C LEU A 7 -29.04 30.72 -3.79
N VAL A 8 -30.32 30.81 -3.46
CA VAL A 8 -31.17 31.89 -3.97
C VAL A 8 -31.84 32.56 -2.80
N GLU A 9 -31.44 33.81 -2.52
CA GLU A 9 -32.01 34.61 -1.45
C GLU A 9 -33.29 35.30 -1.90
N SER A 10 -34.16 35.58 -0.94
CA SER A 10 -35.28 36.47 -1.17
C SER A 10 -35.71 37.07 0.16
N GLY A 11 -36.61 38.06 0.07
CA GLY A 11 -37.20 38.68 1.24
C GLY A 11 -36.67 40.05 1.56
N GLY A 12 -35.59 40.49 0.92
CA GLY A 12 -35.05 41.80 1.20
C GLY A 12 -35.99 42.92 0.77
N GLY A 13 -35.73 44.11 1.30
CA GLY A 13 -36.50 45.28 0.90
C GLY A 13 -36.22 46.46 1.81
N LEU A 14 -37.14 47.42 1.77
CA LEU A 14 -37.03 48.65 2.53
C LEU A 14 -37.95 48.59 3.73
N VAL A 15 -37.40 48.87 4.92
CA VAL A 15 -38.17 48.96 6.15
C VAL A 15 -37.68 50.18 6.94
N GLN A 16 -38.55 50.70 7.80
CA GLN A 16 -38.17 51.78 8.69
C GLN A 16 -37.62 51.23 10.00
N ALA A 17 -36.85 52.05 10.70
CA ALA A 17 -36.20 51.62 11.93
C ALA A 17 -37.20 51.02 12.90
N GLY A 18 -36.79 49.93 13.53
CA GLY A 18 -37.66 49.16 14.40
C GLY A 18 -38.43 48.06 13.71
N GLY A 19 -38.49 48.07 12.38
CA GLY A 19 -39.26 47.09 11.64
C GLY A 19 -38.58 45.73 11.61
N SER A 20 -39.26 44.79 10.96
CA SER A 20 -38.81 43.42 10.88
C SER A 20 -38.80 42.97 9.43
N LEU A 21 -37.93 42.01 9.14
CA LEU A 21 -37.80 41.39 7.83
C LEU A 21 -37.33 39.96 8.02
N ARG A 22 -37.90 39.05 7.23
CA ARG A 22 -37.51 37.65 7.24
C ARG A 22 -36.91 37.32 5.87
N LEU A 23 -35.63 36.95 5.87
CA LEU A 23 -34.98 36.53 4.64
C LEU A 23 -35.04 35.02 4.52
N SER A 24 -35.10 34.55 3.28
CA SER A 24 -35.13 33.13 2.97
C SER A 24 -34.06 32.85 1.93
N CYS A 25 -33.57 31.61 1.91
CA CYS A 25 -32.58 31.19 0.94
C CYS A 25 -32.87 29.74 0.59
N ALA A 26 -33.23 29.48 -0.66
CA ALA A 26 -33.42 28.11 -1.12
C ALA A 26 -32.07 27.57 -1.59
N VAL A 27 -31.71 26.37 -1.12
CA VAL A 27 -30.45 25.73 -1.45
C VAL A 27 -30.75 24.40 -2.15
N SER A 28 -30.27 24.26 -3.39
CA SER A 28 -30.36 23.02 -4.15
C SER A 28 -28.96 22.51 -4.45
N GLY A 29 -28.82 21.19 -4.51
CA GLY A 29 -27.54 20.58 -4.84
C GLY A 29 -26.59 20.40 -3.68
N SER A 30 -27.06 20.54 -2.45
CA SER A 30 -26.20 20.41 -1.28
C SER A 30 -26.69 19.29 -0.38
N ILE A 31 -25.77 18.75 0.42
CA ILE A 31 -26.16 17.84 1.49
C ILE A 31 -26.61 18.71 2.66
N PHE A 32 -27.84 19.19 2.55
CA PHE A 32 -28.32 20.34 3.31
C PHE A 32 -28.31 20.08 4.81
N SER A 33 -28.67 18.86 5.22
CA SER A 33 -28.80 18.58 6.64
C SER A 33 -27.47 18.60 7.38
N ILE A 34 -26.34 18.51 6.67
CA ILE A 34 -25.04 18.29 7.31
C ILE A 34 -24.12 19.49 7.17
N ILE A 35 -24.08 20.14 5.99
CA ILE A 35 -23.16 21.25 5.77
C ILE A 35 -23.56 22.43 6.63
N THR A 36 -22.57 23.27 6.95
CA THR A 36 -22.83 24.52 7.66
C THR A 36 -23.43 25.55 6.71
N LEU A 37 -24.42 26.29 7.20
CA LEU A 37 -25.10 27.35 6.48
C LEU A 37 -24.89 28.65 7.22
N ALA A 38 -24.97 29.77 6.50
CA ALA A 38 -24.69 31.05 7.15
C ALA A 38 -25.32 32.18 6.36
N TRP A 39 -25.49 33.30 7.05
CA TRP A 39 -25.84 34.57 6.41
C TRP A 39 -24.70 35.56 6.64
N TYR A 40 -24.29 36.22 5.57
CA TYR A 40 -23.29 37.29 5.59
C TYR A 40 -23.96 38.57 5.10
N ARG A 41 -23.30 39.70 5.29
CA ARG A 41 -23.82 40.94 4.73
C ARG A 41 -22.65 41.85 4.34
N GLN A 42 -22.94 42.81 3.47
CA GLN A 42 -21.90 43.71 2.98
C GLN A 42 -22.54 45.08 2.72
N ALA A 43 -22.07 46.10 3.43
CA ALA A 43 -22.45 47.48 3.19
C ALA A 43 -21.57 48.08 2.10
N PRO A 44 -22.03 49.15 1.43
CA PRO A 44 -21.32 49.63 0.23
C PRO A 44 -19.84 49.91 0.41
N GLY A 45 -19.37 50.31 1.58
CA GLY A 45 -17.96 50.62 1.74
C GLY A 45 -17.14 49.56 2.44
N LYS A 46 -17.80 48.61 3.08
CA LYS A 46 -17.18 47.66 3.98
C LYS A 46 -17.02 46.29 3.31
N PRO A 47 -16.24 45.40 3.89
CA PRO A 47 -16.18 44.02 3.39
C PRO A 47 -17.39 43.21 3.82
N ARG A 48 -17.50 42.03 3.23
CA ARG A 48 -18.59 41.12 3.52
C ARG A 48 -18.30 40.36 4.82
N GLU A 49 -19.22 40.46 5.78
CA GLU A 49 -18.98 39.98 7.14
C GLU A 49 -20.09 39.04 7.61
N ASN A 50 -19.70 38.09 8.46
CA ASN A 50 -20.65 37.09 8.94
C ASN A 50 -21.70 37.72 9.84
N VAL A 51 -22.94 37.27 9.70
CA VAL A 51 -24.05 37.71 10.53
C VAL A 51 -24.50 36.61 11.47
N ALA A 52 -24.77 35.43 10.92
CA ALA A 52 -25.29 34.31 11.68
C ALA A 52 -24.90 33.03 10.98
N THR A 53 -24.74 31.96 11.77
CA THR A 53 -24.26 30.68 11.27
C THR A 53 -25.01 29.57 11.96
N ILE A 54 -25.36 28.52 11.23
CA ILE A 54 -26.09 27.39 11.79
C ILE A 54 -25.47 26.09 11.28
N THR A 55 -25.05 25.24 12.21
CA THR A 55 -24.37 24.01 11.86
C THR A 55 -25.34 22.83 11.96
N ARG A 56 -24.80 21.62 11.81
CA ARG A 56 -25.60 20.44 11.48
C ARG A 56 -26.80 20.25 12.41
N GLY A 57 -26.58 20.27 13.72
CA GLY A 57 -27.70 20.06 14.62
C GLY A 57 -28.58 21.27 14.88
N SER A 58 -28.56 22.24 13.96
CA SER A 58 -29.23 23.54 14.14
C SER A 58 -28.66 24.29 15.33
N ARG A 59 -27.36 24.15 15.58
CA ARG A 59 -26.67 24.98 16.55
C ARG A 59 -26.36 26.33 15.90
N THR A 60 -26.78 27.41 16.55
CA THR A 60 -26.71 28.74 15.96
C THR A 60 -25.62 29.59 16.63
N SER A 61 -25.15 30.59 15.89
CA SER A 61 -24.19 31.55 16.40
C SER A 61 -24.46 32.88 15.70
N TYR A 62 -24.06 33.98 16.35
CA TYR A 62 -24.42 35.31 15.89
C TYR A 62 -23.26 36.27 16.10
N ALA A 63 -23.17 37.28 15.23
CA ALA A 63 -22.28 38.40 15.48
C ALA A 63 -22.81 39.24 16.64
N ASP A 64 -21.89 39.87 17.38
CA ASP A 64 -22.26 40.59 18.59
C ASP A 64 -23.28 41.71 18.29
N SER A 65 -23.10 42.42 17.19
CA SER A 65 -24.00 43.53 16.86
C SER A 65 -25.41 43.07 16.54
N VAL A 66 -25.62 41.76 16.45
CA VAL A 66 -26.88 41.21 15.99
C VAL A 66 -27.58 40.35 17.04
N LYS A 67 -26.87 39.94 18.09
CA LYS A 67 -27.45 39.09 19.13
C LYS A 67 -28.69 39.74 19.72
N GLY A 68 -29.70 38.90 19.99
CA GLY A 68 -30.94 39.37 20.57
C GLY A 68 -31.92 40.00 19.62
N ARG A 69 -31.51 40.28 18.38
CA ARG A 69 -32.38 40.84 17.36
C ARG A 69 -32.61 39.89 16.20
N PHE A 70 -31.60 39.17 15.74
CA PHE A 70 -31.70 38.29 14.59
C PHE A 70 -31.73 36.82 15.01
N THR A 71 -32.32 36.00 14.15
CA THR A 71 -32.42 34.55 14.40
C THR A 71 -32.22 33.81 13.08
N ILE A 72 -31.25 32.91 13.04
CA ILE A 72 -31.06 32.04 11.89
C ILE A 72 -31.69 30.69 12.18
N SER A 73 -32.30 30.08 11.17
CA SER A 73 -32.91 28.76 11.29
C SER A 73 -32.83 28.07 9.94
N LYS A 74 -33.05 26.76 9.93
CA LYS A 74 -32.99 25.97 8.70
C LYS A 74 -34.13 24.96 8.67
N ASP A 75 -34.52 24.56 7.45
CA ASP A 75 -35.62 23.62 7.24
C ASP A 75 -35.16 22.55 6.25
N ASN A 76 -34.73 21.40 6.78
CA ASN A 76 -34.25 20.30 5.94
C ASN A 76 -35.30 19.88 4.91
N ALA A 77 -36.57 19.85 5.31
CA ALA A 77 -37.60 19.38 4.39
C ALA A 77 -37.72 20.30 3.17
N LYS A 78 -37.63 21.62 3.39
CA LYS A 78 -37.68 22.60 2.30
C LYS A 78 -36.32 22.97 1.76
N SER A 79 -35.24 22.45 2.35
CA SER A 79 -33.86 22.85 2.09
C SER A 79 -33.76 24.38 1.96
N THR A 80 -34.27 25.07 2.96
CA THR A 80 -34.22 26.51 3.02
C THR A 80 -33.61 26.94 4.35
N VAL A 81 -32.87 28.04 4.33
CA VAL A 81 -32.32 28.66 5.52
C VAL A 81 -32.91 30.07 5.61
N TYR A 82 -33.18 30.51 6.84
CA TYR A 82 -33.93 31.73 7.08
C TYR A 82 -33.14 32.65 8.01
N LEU A 83 -33.36 33.96 7.85
CA LEU A 83 -32.82 34.95 8.79
C LEU A 83 -33.96 35.87 9.21
N GLN A 84 -34.47 35.68 10.42
CA GLN A 84 -35.49 36.55 10.98
C GLN A 84 -34.82 37.78 11.60
N MET A 85 -35.09 38.95 11.03
CA MET A 85 -34.47 40.19 11.46
C MET A 85 -35.54 41.05 12.13
N ASN A 86 -35.40 41.26 13.43
CA ASN A 86 -36.29 42.12 14.20
C ASN A 86 -35.49 43.29 14.74
N LYS A 87 -36.21 44.33 15.17
CA LYS A 87 -35.60 45.50 15.80
C LYS A 87 -34.53 46.11 14.89
N LEU A 88 -34.87 46.25 13.61
CA LEU A 88 -33.89 46.64 12.61
C LEU A 88 -33.43 48.07 12.82
N LYS A 89 -32.09 48.27 12.76
CA LYS A 89 -31.35 49.51 12.87
C LYS A 89 -30.83 49.94 11.49
N PRO A 90 -30.68 51.24 11.24
CA PRO A 90 -30.13 51.67 9.95
C PRO A 90 -28.77 51.08 9.66
N GLU A 91 -27.99 50.78 10.69
CA GLU A 91 -26.67 50.16 10.51
C GLU A 91 -26.77 48.74 9.97
N ASP A 92 -27.98 48.18 9.88
CA ASP A 92 -28.19 46.87 9.27
C ASP A 92 -28.36 46.94 7.77
N THR A 93 -28.43 48.15 7.21
CA THR A 93 -28.56 48.31 5.76
C THR A 93 -27.33 47.72 5.07
N ALA A 94 -27.57 46.79 4.15
CA ALA A 94 -26.51 46.07 3.45
C ALA A 94 -27.14 45.10 2.46
N ASP A 95 -26.28 44.53 1.61
CA ASP A 95 -26.61 43.37 0.80
C ASP A 95 -26.39 42.11 1.65
N TYR A 96 -27.44 41.28 1.80
CA TYR A 96 -27.36 40.09 2.63
C TYR A 96 -27.17 38.86 1.76
N TYR A 97 -26.16 38.05 2.08
CA TYR A 97 -25.77 36.89 1.27
C TYR A 97 -25.98 35.59 2.03
N CYS A 98 -26.59 34.62 1.36
CA CYS A 98 -26.65 33.25 1.85
C CYS A 98 -25.34 32.52 1.54
N ASN A 99 -24.95 31.61 2.42
CA ASN A 99 -23.67 30.93 2.29
C ASN A 99 -23.76 29.48 2.74
N ALA A 100 -23.05 28.59 2.02
CA ALA A 100 -22.96 27.17 2.37
C ALA A 100 -21.50 26.71 2.35
N GLU A 101 -21.15 25.84 3.31
CA GLU A 101 -19.80 25.26 3.44
C GLU A 101 -18.72 26.31 3.69
N GLY A 102 -19.06 27.36 4.47
CA GLY A 102 -18.05 28.27 4.99
C GLY A 102 -17.64 29.37 4.04
N PRO A 103 -16.76 30.29 4.49
CA PRO A 103 -16.45 31.48 3.69
C PRO A 103 -15.75 31.20 2.38
N ALA A 104 -15.07 30.05 2.21
CA ALA A 104 -14.55 29.70 0.90
C ALA A 104 -15.45 28.67 0.18
N GLY A 105 -16.68 28.53 0.64
CA GLY A 105 -17.62 27.62 0.02
C GLY A 105 -18.44 28.26 -1.08
N TYR A 106 -19.76 28.31 -0.91
CA TYR A 106 -20.68 28.73 -1.97
C TYR A 106 -21.52 29.90 -1.47
N TRP A 107 -21.99 30.72 -2.43
CA TRP A 107 -22.62 32.00 -2.13
C TRP A 107 -23.84 32.22 -3.03
N GLY A 108 -24.90 32.80 -2.45
CA GLY A 108 -25.96 33.37 -3.25
C GLY A 108 -25.49 34.66 -3.91
N GLN A 109 -26.40 35.31 -4.64
CA GLN A 109 -26.09 36.61 -5.21
C GLN A 109 -26.66 37.75 -4.38
N GLY A 110 -27.24 37.44 -3.23
CA GLY A 110 -27.61 38.44 -2.25
C GLY A 110 -29.02 38.97 -2.44
N THR A 111 -29.54 39.56 -1.37
CA THR A 111 -30.83 40.26 -1.43
C THR A 111 -30.64 41.58 -0.68
N PRO A 112 -31.08 42.70 -1.24
CA PRO A 112 -30.77 44.00 -0.63
C PRO A 112 -31.71 44.32 0.53
N VAL A 113 -31.14 44.92 1.57
CA VAL A 113 -31.91 45.34 2.74
C VAL A 113 -31.57 46.79 3.05
N THR A 114 -32.61 47.63 3.18
CA THR A 114 -32.43 49.03 3.51
C THR A 114 -33.29 49.38 4.72
N VAL A 115 -32.68 50.02 5.72
CA VAL A 115 -33.37 50.42 6.94
C VAL A 115 -33.27 51.94 7.04
N SER A 116 -34.41 52.61 6.89
CA SER A 116 -34.45 54.07 6.95
C SER A 116 -34.80 54.57 8.34
N GLN B 4 7.24 -22.54 -22.45
CA GLN B 4 7.46 -23.02 -23.81
C GLN B 4 8.92 -23.43 -23.99
N MET B 5 9.50 -24.01 -22.94
CA MET B 5 10.88 -24.47 -22.96
C MET B 5 10.96 -25.87 -23.56
N GLN B 6 12.06 -26.14 -24.27
CA GLN B 6 12.25 -27.39 -24.99
C GLN B 6 13.57 -28.02 -24.58
N LEU B 7 13.54 -29.31 -24.23
CA LEU B 7 14.72 -30.08 -23.85
C LEU B 7 14.81 -31.29 -24.76
N VAL B 8 15.81 -31.32 -25.62
CA VAL B 8 16.00 -32.39 -26.61
C VAL B 8 17.33 -33.08 -26.33
N GLU B 9 17.27 -34.37 -26.01
CA GLU B 9 18.44 -35.14 -25.65
C GLU B 9 18.98 -35.92 -26.83
N SER B 10 20.23 -36.36 -26.70
CA SER B 10 20.91 -37.17 -27.72
C SER B 10 22.09 -37.86 -27.08
N GLY B 11 22.49 -38.99 -27.68
CA GLY B 11 23.67 -39.71 -27.27
C GLY B 11 23.41 -41.09 -26.71
N GLY B 12 22.17 -41.45 -26.43
CA GLY B 12 21.90 -42.74 -25.82
C GLY B 12 22.06 -43.88 -26.80
N GLY B 13 22.47 -45.03 -26.27
CA GLY B 13 22.62 -46.21 -27.09
C GLY B 13 23.03 -47.40 -26.25
N LEU B 14 23.63 -48.38 -26.91
CA LEU B 14 24.08 -49.61 -26.28
C LEU B 14 25.61 -49.59 -26.18
N VAL B 15 26.12 -50.00 -25.01
CA VAL B 15 27.56 -50.10 -24.78
C VAL B 15 27.85 -51.32 -23.92
N GLN B 16 29.09 -51.80 -24.03
CA GLN B 16 29.54 -52.91 -23.20
C GLN B 16 30.01 -52.39 -21.85
N ALA B 17 30.00 -53.27 -20.85
CA ALA B 17 30.45 -52.91 -19.52
C ALA B 17 31.92 -52.48 -19.56
N GLY B 18 32.18 -51.23 -19.14
CA GLY B 18 33.49 -50.64 -19.20
C GLY B 18 33.59 -49.50 -20.19
N GLY B 19 32.84 -49.57 -21.28
CA GLY B 19 32.87 -48.53 -22.29
C GLY B 19 32.32 -47.21 -21.79
N SER B 20 32.32 -46.23 -22.69
CA SER B 20 31.90 -44.89 -22.36
C SER B 20 30.85 -44.41 -23.36
N LEU B 21 30.10 -43.40 -22.94
CA LEU B 21 29.05 -42.81 -23.77
C LEU B 21 28.74 -41.42 -23.21
N ARG B 22 28.64 -40.43 -24.09
CA ARG B 22 28.36 -39.06 -23.70
C ARG B 22 26.96 -38.67 -24.14
N LEU B 23 26.16 -38.17 -23.19
CA LEU B 23 24.82 -37.68 -23.46
C LEU B 23 24.83 -36.17 -23.52
N SER B 24 24.04 -35.61 -24.43
CA SER B 24 23.88 -34.17 -24.56
C SER B 24 22.40 -33.84 -24.60
N CYS B 25 22.09 -32.61 -24.20
CA CYS B 25 20.71 -32.13 -24.15
C CYS B 25 20.68 -30.68 -24.58
N ALA B 26 20.07 -30.41 -25.73
CA ALA B 26 19.88 -29.05 -26.20
C ALA B 26 18.67 -28.44 -25.51
N VAL B 27 18.88 -27.28 -24.89
CA VAL B 27 17.85 -26.58 -24.13
C VAL B 27 17.60 -25.24 -24.80
N SER B 28 16.34 -24.99 -25.18
CA SER B 28 15.97 -23.73 -25.81
C SER B 28 14.85 -23.07 -25.00
N GLY B 29 14.76 -21.75 -25.11
CA GLY B 29 13.76 -21.01 -24.37
C GLY B 29 14.09 -20.75 -22.93
N SER B 30 15.31 -21.06 -22.49
CA SER B 30 15.72 -20.86 -21.12
C SER B 30 16.79 -19.79 -21.03
N ILE B 31 16.94 -19.25 -19.82
CA ILE B 31 18.08 -18.42 -19.49
C ILE B 31 19.20 -19.35 -19.09
N PHE B 32 19.92 -19.87 -20.09
CA PHE B 32 20.68 -21.10 -19.94
C PHE B 32 21.80 -20.96 -18.91
N SER B 33 22.53 -19.84 -18.94
CA SER B 33 23.69 -19.69 -18.07
C SER B 33 23.32 -19.59 -16.59
N ILE B 34 22.04 -19.39 -16.26
CA ILE B 34 21.62 -19.11 -14.89
C ILE B 34 20.85 -20.27 -14.29
N ILE B 35 19.94 -20.89 -15.03
CA ILE B 35 19.08 -21.92 -14.46
C ILE B 35 19.90 -23.14 -14.10
N THR B 36 19.42 -23.88 -13.11
CA THR B 36 20.03 -25.16 -12.76
C THR B 36 19.66 -26.22 -13.79
N LEU B 37 20.64 -27.04 -14.17
CA LEU B 37 20.45 -28.15 -15.10
C LEU B 37 20.91 -29.43 -14.44
N ALA B 38 20.31 -30.54 -14.85
CA ALA B 38 20.58 -31.82 -14.19
C ALA B 38 20.22 -32.96 -15.12
N TRP B 39 20.79 -34.12 -14.82
CA TRP B 39 20.44 -35.39 -15.45
C TRP B 39 19.79 -36.29 -14.42
N TYR B 40 18.68 -36.92 -14.78
CA TYR B 40 18.02 -37.95 -14.00
C TYR B 40 18.05 -39.26 -14.78
N ARG B 41 17.75 -40.35 -14.09
CA ARG B 41 17.61 -41.63 -14.77
C ARG B 41 16.62 -42.48 -14.01
N GLN B 42 16.02 -43.42 -14.73
CA GLN B 42 15.06 -44.36 -14.17
C GLN B 42 15.20 -45.67 -14.91
N ALA B 43 15.58 -46.72 -14.18
CA ALA B 43 15.49 -48.07 -14.73
C ALA B 43 14.04 -48.55 -14.65
N PRO B 44 13.67 -49.51 -15.50
CA PRO B 44 12.29 -50.03 -15.43
C PRO B 44 11.97 -50.58 -14.05
N GLY B 45 10.74 -50.30 -13.59
CA GLY B 45 10.31 -50.76 -12.29
C GLY B 45 11.07 -50.17 -11.11
N LYS B 46 11.79 -49.08 -11.32
CA LYS B 46 12.58 -48.46 -10.26
C LYS B 46 12.24 -46.98 -10.18
N PRO B 47 12.38 -46.38 -8.99
CA PRO B 47 12.17 -44.94 -8.87
C PRO B 47 13.18 -44.17 -9.72
N ARG B 48 12.73 -43.05 -10.27
CA ARG B 48 13.65 -42.16 -10.99
C ARG B 48 14.49 -41.39 -9.99
N GLU B 49 15.76 -41.15 -10.33
CA GLU B 49 16.74 -40.65 -9.38
C GLU B 49 17.62 -39.61 -10.04
N ASN B 50 18.04 -38.62 -9.26
CA ASN B 50 19.01 -37.65 -9.74
C ASN B 50 20.37 -38.29 -9.92
N VAL B 51 21.01 -37.99 -11.05
CA VAL B 51 22.33 -38.53 -11.37
C VAL B 51 23.43 -37.49 -11.18
N ALA B 52 23.23 -36.29 -11.71
CA ALA B 52 24.18 -35.20 -11.58
C ALA B 52 23.44 -33.90 -11.75
N THR B 53 24.03 -32.82 -11.25
CA THR B 53 23.43 -31.50 -11.26
C THR B 53 24.54 -30.48 -11.46
N ILE B 54 24.22 -29.41 -12.18
CA ILE B 54 25.18 -28.32 -12.40
C ILE B 54 24.42 -27.00 -12.30
N THR B 55 24.97 -26.06 -11.56
CA THR B 55 24.33 -24.79 -11.27
C THR B 55 25.02 -23.66 -12.03
N ARG B 56 24.68 -22.43 -11.67
CA ARG B 56 25.07 -21.25 -12.46
C ARG B 56 26.57 -21.20 -12.70
N GLY B 57 27.36 -21.18 -11.64
CA GLY B 57 28.80 -21.05 -11.82
C GLY B 57 29.48 -22.34 -12.22
N SER B 58 28.75 -23.24 -12.87
CA SER B 58 29.23 -24.59 -13.21
C SER B 58 29.68 -25.35 -11.97
N ARG B 59 29.01 -25.13 -10.83
CA ARG B 59 29.21 -25.93 -9.64
C ARG B 59 28.44 -27.25 -9.79
N THR B 60 29.15 -28.37 -9.71
CA THR B 60 28.60 -29.69 -10.03
C THR B 60 28.42 -30.54 -8.78
N SER B 61 27.39 -31.39 -8.80
CA SER B 61 27.15 -32.38 -7.77
C SER B 61 26.77 -33.69 -8.45
N TYR B 62 26.98 -34.80 -7.72
CA TYR B 62 26.81 -36.14 -8.28
C TYR B 62 26.26 -37.08 -7.23
N ALA B 63 25.37 -37.97 -7.66
CA ALA B 63 24.99 -39.09 -6.81
C ALA B 63 26.23 -39.89 -6.41
N ASP B 64 26.20 -40.45 -5.20
CA ASP B 64 27.35 -41.20 -4.70
C ASP B 64 27.69 -42.36 -5.64
N SER B 65 26.68 -43.00 -6.23
CA SER B 65 26.93 -44.20 -7.03
C SER B 65 27.68 -43.94 -8.32
N VAL B 66 27.82 -42.68 -8.75
CA VAL B 66 28.46 -42.34 -10.01
C VAL B 66 29.66 -41.42 -9.85
N LYS B 67 30.02 -41.05 -8.62
CA LYS B 67 31.16 -40.18 -8.41
C LYS B 67 32.43 -40.83 -8.96
N GLY B 68 33.28 -40.01 -9.57
CA GLY B 68 34.50 -40.52 -10.16
C GLY B 68 34.31 -41.26 -11.47
N ARG B 69 33.09 -41.38 -11.96
CA ARG B 69 32.81 -42.03 -13.24
C ARG B 69 32.03 -41.15 -14.20
N PHE B 70 31.10 -40.34 -13.71
CA PHE B 70 30.30 -39.46 -14.54
C PHE B 70 30.76 -38.02 -14.38
N THR B 71 30.57 -37.24 -15.44
CA THR B 71 30.95 -35.83 -15.43
C THR B 71 29.88 -35.02 -16.17
N ILE B 72 29.31 -34.04 -15.49
CA ILE B 72 28.31 -33.16 -16.08
C ILE B 72 28.98 -31.82 -16.36
N SER B 73 28.62 -31.23 -17.51
CA SER B 73 29.16 -29.94 -17.94
C SER B 73 28.14 -29.25 -18.81
N LYS B 74 28.38 -27.97 -19.07
CA LYS B 74 27.47 -27.16 -19.86
C LYS B 74 28.28 -26.23 -20.77
N ASP B 75 27.74 -25.99 -21.96
CA ASP B 75 28.28 -25.03 -22.92
C ASP B 75 27.27 -23.90 -23.05
N ASN B 76 27.61 -22.73 -22.50
CA ASN B 76 26.67 -21.61 -22.55
C ASN B 76 26.45 -21.14 -23.98
N ALA B 77 27.50 -21.15 -24.80
CA ALA B 77 27.37 -20.66 -26.17
C ALA B 77 26.40 -21.51 -26.98
N LYS B 78 26.50 -22.83 -26.85
CA LYS B 78 25.58 -23.73 -27.56
C LYS B 78 24.32 -24.01 -26.77
N SER B 79 24.25 -23.60 -25.51
CA SER B 79 23.12 -23.90 -24.62
C SER B 79 22.81 -25.40 -24.61
N THR B 80 23.84 -26.19 -24.31
CA THR B 80 23.76 -27.65 -24.28
C THR B 80 24.43 -28.17 -23.02
N VAL B 81 23.76 -29.10 -22.33
CA VAL B 81 24.29 -29.69 -21.12
C VAL B 81 24.68 -31.13 -21.44
N TYR B 82 25.85 -31.55 -20.98
CA TYR B 82 26.42 -32.83 -21.33
C TYR B 82 26.53 -33.75 -20.11
N LEU B 83 26.44 -35.05 -20.36
CA LEU B 83 26.70 -36.06 -19.34
C LEU B 83 27.73 -37.04 -19.90
N GLN B 84 28.98 -36.90 -19.47
CA GLN B 84 30.06 -37.81 -19.85
C GLN B 84 30.06 -39.01 -18.89
N MET B 85 29.82 -40.21 -19.42
CA MET B 85 29.67 -41.42 -18.63
C MET B 85 30.81 -42.38 -18.95
N ASN B 86 31.75 -42.53 -18.01
CA ASN B 86 32.89 -43.43 -18.16
C ASN B 86 32.79 -44.60 -17.19
N LYS B 87 33.45 -45.70 -17.56
CA LYS B 87 33.47 -46.94 -16.79
C LYS B 87 32.06 -47.42 -16.47
N LEU B 88 31.29 -47.64 -17.53
CA LEU B 88 29.87 -47.90 -17.38
C LEU B 88 29.61 -49.32 -16.88
N LYS B 89 28.79 -49.44 -15.84
CA LYS B 89 28.38 -50.71 -15.26
C LYS B 89 26.98 -51.05 -15.72
N PRO B 90 26.61 -52.34 -15.70
CA PRO B 90 25.22 -52.71 -15.99
C PRO B 90 24.21 -52.03 -15.08
N GLU B 91 24.62 -51.62 -13.88
CA GLU B 91 23.74 -50.90 -12.97
C GLU B 91 23.36 -49.52 -13.48
N ASP B 92 24.04 -49.02 -14.52
CA ASP B 92 23.73 -47.72 -15.11
C ASP B 92 22.64 -47.79 -16.16
N THR B 93 22.17 -49.00 -16.50
CA THR B 93 21.08 -49.14 -17.46
C THR B 93 19.85 -48.41 -16.97
N ALA B 94 19.34 -47.49 -17.78
CA ALA B 94 18.17 -46.69 -17.42
C ALA B 94 17.83 -45.78 -18.59
N ASP B 95 16.63 -45.19 -18.52
CA ASP B 95 16.27 -44.08 -19.38
C ASP B 95 16.74 -42.80 -18.72
N TYR B 96 17.52 -41.99 -19.44
CA TYR B 96 18.14 -40.80 -18.87
C TYR B 96 17.39 -39.56 -19.32
N TYR B 97 17.10 -38.66 -18.38
CA TYR B 97 16.25 -37.51 -18.61
C TYR B 97 17.04 -36.22 -18.35
N CYS B 98 17.01 -35.32 -19.32
CA CYS B 98 17.50 -33.97 -19.14
C CYS B 98 16.51 -33.18 -18.29
N ASN B 99 17.02 -32.31 -17.41
CA ASN B 99 16.16 -31.60 -16.48
C ASN B 99 16.60 -30.15 -16.33
N ALA B 100 15.62 -29.24 -16.25
CA ALA B 100 15.90 -27.81 -16.15
C ALA B 100 14.98 -27.18 -15.11
N GLU B 101 15.54 -26.26 -14.32
CA GLU B 101 14.81 -25.55 -13.26
C GLU B 101 14.30 -26.49 -12.19
N GLY B 102 15.10 -27.49 -11.85
CA GLY B 102 14.83 -28.32 -10.71
C GLY B 102 13.77 -29.38 -10.95
N PRO B 103 13.48 -30.17 -9.91
CA PRO B 103 12.62 -31.36 -10.11
C PRO B 103 11.16 -31.05 -10.36
N ALA B 104 10.69 -29.84 -10.11
CA ALA B 104 9.34 -29.44 -10.52
C ALA B 104 9.36 -28.56 -11.77
N GLY B 105 10.47 -28.57 -12.51
CA GLY B 105 10.62 -27.77 -13.71
C GLY B 105 10.30 -28.53 -14.98
N TYR B 106 11.25 -28.60 -15.91
CA TYR B 106 11.01 -29.12 -17.24
C TYR B 106 11.86 -30.36 -17.49
N TRP B 107 11.31 -31.29 -18.26
CA TRP B 107 11.93 -32.59 -18.48
C TRP B 107 11.98 -32.89 -19.97
N GLY B 108 13.07 -33.53 -20.39
CA GLY B 108 13.10 -34.12 -21.70
C GLY B 108 12.27 -35.38 -21.74
N GLN B 109 12.11 -35.93 -22.95
CA GLN B 109 11.37 -37.17 -23.09
C GLN B 109 12.22 -38.39 -22.78
N GLY B 110 13.51 -38.22 -22.53
CA GLY B 110 14.38 -39.30 -22.12
C GLY B 110 15.12 -39.93 -23.29
N THR B 111 16.23 -40.58 -22.96
CA THR B 111 17.04 -41.29 -23.95
C THR B 111 17.56 -42.56 -23.28
N PRO B 112 17.38 -43.72 -23.89
CA PRO B 112 17.79 -44.97 -23.24
C PRO B 112 19.26 -45.24 -23.40
N VAL B 113 19.87 -45.75 -22.33
CA VAL B 113 21.18 -46.34 -22.39
C VAL B 113 21.08 -47.75 -21.82
N THR B 114 21.92 -48.65 -22.34
CA THR B 114 21.94 -50.04 -21.91
C THR B 114 23.37 -50.50 -21.85
N VAL B 115 23.74 -51.13 -20.74
CA VAL B 115 25.10 -51.63 -20.51
C VAL B 115 25.03 -53.14 -20.41
N SER B 116 25.74 -53.84 -21.30
CA SER B 116 25.71 -55.30 -21.36
C SER B 116 26.96 -55.92 -20.73
N GLY C 2 -8.98 -19.78 -6.06
CA GLY C 2 -8.28 -18.78 -6.85
C GLY C 2 -6.90 -19.14 -7.40
N ASP C 3 -6.83 -19.56 -8.66
CA ASP C 3 -5.54 -19.78 -9.32
C ASP C 3 -4.81 -18.46 -9.54
N VAL C 4 -3.48 -18.53 -9.52
CA VAL C 4 -2.62 -17.42 -9.86
C VAL C 4 -1.54 -17.91 -10.80
N GLU C 5 -1.34 -17.20 -11.91
CA GLU C 5 -0.36 -17.59 -12.91
C GLU C 5 0.46 -16.38 -13.35
N PHE C 6 1.77 -16.52 -13.32
CA PHE C 6 2.67 -15.59 -13.98
C PHE C 6 3.02 -16.19 -15.34
N ARG C 7 2.85 -15.42 -16.40
CA ARG C 7 3.10 -15.89 -17.76
C ARG C 7 4.04 -14.89 -18.43
N ASN C 8 5.30 -15.31 -18.60
CA ASN C 8 6.32 -14.53 -19.29
C ASN C 8 6.44 -13.11 -18.72
N VAL C 9 6.48 -13.03 -17.39
CA VAL C 9 6.44 -11.76 -16.69
C VAL C 9 7.87 -11.19 -16.58
N THR C 10 8.04 -9.96 -17.05
CA THR C 10 9.27 -9.19 -16.87
C THR C 10 8.91 -7.85 -16.25
N PHE C 11 9.73 -7.40 -15.30
CA PHE C 11 9.44 -6.15 -14.61
C PHE C 11 10.74 -5.44 -14.27
N THR C 12 10.74 -4.12 -14.44
CA THR C 12 11.83 -3.24 -14.08
C THR C 12 11.27 -2.11 -13.22
N TYR C 13 11.89 -1.88 -12.07
CA TYR C 13 11.45 -0.76 -11.25
C TYR C 13 11.67 0.55 -12.00
N PRO C 14 10.76 1.51 -11.87
CA PRO C 14 10.98 2.83 -12.50
C PRO C 14 12.29 3.43 -12.01
N GLY C 15 13.11 3.86 -12.96
CA GLY C 15 14.39 4.47 -12.63
C GLY C 15 15.56 3.51 -12.58
N ARG C 16 15.37 2.26 -13.00
CA ARG C 16 16.45 1.29 -13.08
C ARG C 16 16.61 0.83 -14.52
N ASP C 17 17.81 0.35 -14.84
CA ASP C 17 18.15 -0.07 -16.19
C ASP C 17 18.31 -1.57 -16.35
N VAL C 18 18.05 -2.35 -15.30
CA VAL C 18 18.10 -3.81 -15.37
C VAL C 18 16.84 -4.36 -14.72
N PRO C 19 16.16 -5.33 -15.34
CA PRO C 19 14.90 -5.83 -14.79
C PRO C 19 15.10 -6.49 -13.44
N ALA C 20 14.09 -6.33 -12.56
CA ALA C 20 14.04 -7.09 -11.32
C ALA C 20 13.61 -8.53 -11.57
N LEU C 21 12.79 -8.78 -12.59
CA LEU C 21 12.33 -10.13 -12.91
C LEU C 21 12.39 -10.34 -14.42
N ARG C 22 12.81 -11.53 -14.83
CA ARG C 22 13.00 -11.84 -16.25
C ARG C 22 12.23 -13.10 -16.60
N ASN C 23 11.18 -12.94 -17.41
CA ASN C 23 10.46 -14.07 -18.02
C ASN C 23 9.97 -15.06 -16.95
N ILE C 24 9.28 -14.53 -15.96
CA ILE C 24 8.78 -15.35 -14.85
C ILE C 24 7.58 -16.16 -15.34
N ASN C 25 7.71 -17.48 -15.28
CA ASN C 25 6.61 -18.41 -15.54
C ASN C 25 6.35 -19.14 -14.24
N LEU C 26 5.22 -18.83 -13.60
CA LEU C 26 4.91 -19.41 -12.30
C LEU C 26 3.42 -19.68 -12.23
N LYS C 27 3.06 -20.97 -12.12
CA LYS C 27 1.68 -21.40 -12.04
C LYS C 27 1.40 -21.86 -10.62
N ILE C 28 0.50 -21.15 -9.94
CA ILE C 28 0.15 -21.46 -8.56
C ILE C 28 -1.27 -21.98 -8.50
N PRO C 29 -1.49 -23.30 -8.47
CA PRO C 29 -2.85 -23.82 -8.46
C PRO C 29 -3.60 -23.41 -7.19
N ALA C 30 -4.92 -23.35 -7.31
CA ALA C 30 -5.75 -22.91 -6.19
C ALA C 30 -5.53 -23.82 -4.99
N GLY C 31 -5.31 -23.19 -3.83
CA GLY C 31 -5.17 -23.92 -2.58
C GLY C 31 -3.77 -24.35 -2.23
N LYS C 32 -2.82 -24.25 -3.15
CA LYS C 32 -1.46 -24.69 -2.90
C LYS C 32 -0.64 -23.57 -2.27
N THR C 33 0.43 -23.96 -1.59
CA THR C 33 1.35 -23.01 -0.98
C THR C 33 2.65 -23.07 -1.78
N VAL C 34 3.07 -21.93 -2.33
CA VAL C 34 4.33 -21.84 -3.04
C VAL C 34 5.24 -20.89 -2.26
N ALA C 35 6.44 -21.34 -1.96
CA ALA C 35 7.44 -20.57 -1.22
C ALA C 35 8.49 -20.05 -2.17
N LEU C 36 8.83 -18.76 -2.04
CA LEU C 36 9.87 -18.12 -2.83
C LEU C 36 11.09 -17.89 -1.95
N VAL C 37 12.26 -18.37 -2.40
CA VAL C 37 13.50 -18.21 -1.66
C VAL C 37 14.59 -17.71 -2.60
N GLY C 38 15.74 -17.38 -2.00
CA GLY C 38 16.88 -16.85 -2.72
C GLY C 38 17.46 -15.66 -1.96
N ARG C 39 18.57 -15.10 -2.46
CA ARG C 39 19.22 -14.00 -1.79
C ARG C 39 18.34 -12.76 -1.80
N SER C 40 18.64 -11.83 -0.89
CA SER C 40 17.90 -10.59 -0.84
C SER C 40 18.14 -9.80 -2.12
N GLY C 41 17.07 -9.21 -2.64
CA GLY C 41 17.16 -8.51 -3.91
C GLY C 41 17.15 -9.39 -5.14
N SER C 42 17.02 -10.72 -4.98
CA SER C 42 16.90 -11.64 -6.11
C SER C 42 15.64 -11.40 -6.94
N GLY C 43 14.68 -10.65 -6.41
CA GLY C 43 13.38 -10.50 -7.05
C GLY C 43 12.28 -11.29 -6.38
N LYS C 44 12.60 -12.15 -5.41
CA LYS C 44 11.54 -12.91 -4.76
C LYS C 44 10.47 -12.00 -4.17
N SER C 45 10.88 -10.91 -3.52
CA SER C 45 9.90 -9.98 -2.97
C SER C 45 9.09 -9.30 -4.06
N THR C 46 9.71 -9.07 -5.22
CA THR C 46 9.01 -8.40 -6.31
C THR C 46 7.91 -9.30 -6.89
N ILE C 47 8.15 -10.61 -6.97
CA ILE C 47 7.14 -11.51 -7.53
C ILE C 47 5.85 -11.41 -6.74
N ALA C 48 5.94 -11.51 -5.40
CA ALA C 48 4.73 -11.47 -4.57
C ALA C 48 4.15 -10.06 -4.53
N SER C 49 5.00 -9.04 -4.54
CA SER C 49 4.49 -7.68 -4.39
C SER C 49 3.67 -7.23 -5.60
N LEU C 50 3.99 -7.77 -6.79
CA LEU C 50 3.27 -7.39 -8.01
C LEU C 50 1.80 -7.79 -7.98
N ILE C 51 1.44 -8.79 -7.18
CA ILE C 51 0.04 -9.19 -7.08
C ILE C 51 -0.80 -8.07 -6.46
N THR C 52 -0.21 -7.19 -5.64
CA THR C 52 -0.95 -6.06 -5.07
C THR C 52 -1.06 -4.89 -6.04
N ARG C 53 -0.40 -4.96 -7.19
CA ARG C 53 -0.49 -3.93 -8.22
C ARG C 53 -0.09 -2.56 -7.68
N PHE C 54 0.92 -2.51 -6.80
CA PHE C 54 1.56 -1.23 -6.55
C PHE C 54 2.26 -0.73 -7.82
N TYR C 55 2.85 -1.64 -8.58
CA TYR C 55 3.32 -1.38 -9.94
C TYR C 55 2.68 -2.38 -10.89
N ASP C 56 2.71 -2.05 -12.17
CA ASP C 56 2.32 -2.96 -13.24
C ASP C 56 3.57 -3.56 -13.90
N ILE C 57 3.40 -4.75 -14.47
CA ILE C 57 4.52 -5.45 -15.09
C ILE C 57 4.89 -4.78 -16.42
N ASP C 58 6.13 -5.04 -16.87
CA ASP C 58 6.58 -4.53 -18.16
C ASP C 58 5.87 -5.26 -19.30
N GLU C 59 5.96 -6.59 -19.30
CA GLU C 59 5.32 -7.39 -20.33
C GLU C 59 4.92 -8.73 -19.71
N GLY C 60 4.25 -9.55 -20.50
CA GLY C 60 3.66 -10.76 -19.97
C GLY C 60 2.31 -10.48 -19.33
N GLU C 61 1.87 -11.43 -18.50
CA GLU C 61 0.59 -11.24 -17.83
C GLU C 61 0.57 -12.02 -16.53
N ILE C 62 -0.01 -11.41 -15.51
CA ILE C 62 -0.35 -12.10 -14.26
C ILE C 62 -1.84 -12.40 -14.32
N LEU C 63 -2.20 -13.67 -14.18
CA LEU C 63 -3.59 -14.09 -14.24
C LEU C 63 -4.06 -14.51 -12.85
N MET C 64 -5.23 -14.04 -12.47
CA MET C 64 -5.92 -14.48 -11.26
C MET C 64 -7.21 -15.15 -11.71
N ASP C 65 -7.33 -16.46 -11.47
CA ASP C 65 -8.49 -17.24 -11.87
C ASP C 65 -8.75 -17.14 -13.37
N GLY C 66 -7.68 -17.03 -14.15
CA GLY C 66 -7.80 -16.99 -15.59
C GLY C 66 -8.00 -15.63 -16.21
N HIS C 67 -7.92 -14.55 -15.43
CA HIS C 67 -8.12 -13.21 -15.93
C HIS C 67 -6.96 -12.32 -15.50
N ASP C 68 -6.50 -11.47 -16.42
CA ASP C 68 -5.39 -10.58 -16.14
C ASP C 68 -5.71 -9.71 -14.93
N LEU C 69 -4.70 -9.52 -14.07
CA LEU C 69 -4.85 -8.65 -12.91
C LEU C 69 -5.47 -7.31 -13.26
N ARG C 70 -5.03 -6.69 -14.37
CA ARG C 70 -5.50 -5.35 -14.71
C ARG C 70 -6.99 -5.30 -14.99
N GLU C 71 -7.63 -6.44 -15.22
CA GLU C 71 -9.05 -6.47 -15.52
C GLU C 71 -9.92 -6.34 -14.28
N TYR C 72 -9.39 -6.66 -13.09
CA TYR C 72 -10.18 -6.61 -11.87
C TYR C 72 -10.33 -5.17 -11.39
N THR C 73 -11.53 -4.84 -10.92
CA THR C 73 -11.68 -3.61 -10.16
C THR C 73 -10.75 -3.67 -8.95
N LEU C 74 -10.37 -2.48 -8.45
CA LEU C 74 -9.51 -2.46 -7.27
C LEU C 74 -10.22 -3.07 -6.07
N ALA C 75 -11.53 -2.81 -5.93
CA ALA C 75 -12.27 -3.40 -4.83
C ALA C 75 -12.18 -4.93 -4.88
N SER C 76 -12.41 -5.49 -6.06
CA SER C 76 -12.28 -6.93 -6.22
C SER C 76 -10.85 -7.39 -5.95
N LEU C 77 -9.86 -6.63 -6.42
CA LEU C 77 -8.47 -7.03 -6.21
C LEU C 77 -8.13 -7.07 -4.72
N ARG C 78 -8.51 -6.03 -3.98
CA ARG C 78 -8.24 -5.97 -2.55
C ARG C 78 -8.98 -7.06 -1.78
N ASN C 79 -10.20 -7.41 -2.22
CA ASN C 79 -10.97 -8.44 -1.53
C ASN C 79 -10.39 -9.83 -1.75
N GLN C 80 -9.76 -10.06 -2.90
CA GLN C 80 -9.27 -11.40 -3.21
C GLN C 80 -7.96 -11.74 -2.50
N VAL C 81 -7.21 -10.74 -2.07
CA VAL C 81 -5.84 -10.93 -1.60
C VAL C 81 -5.76 -10.47 -0.15
N ALA C 82 -5.23 -11.34 0.71
CA ALA C 82 -4.85 -10.97 2.06
C ALA C 82 -3.33 -10.80 2.10
N LEU C 83 -2.88 -9.64 2.56
CA LEU C 83 -1.48 -9.28 2.56
C LEU C 83 -0.94 -9.29 3.98
N VAL C 84 0.10 -10.08 4.23
CA VAL C 84 0.77 -10.12 5.53
C VAL C 84 2.22 -9.73 5.28
N SER C 85 2.53 -8.45 5.49
CA SER C 85 3.86 -7.90 5.22
C SER C 85 3.91 -6.49 5.80
N GLN C 86 5.11 -5.91 5.77
CA GLN C 86 5.28 -4.53 6.20
C GLN C 86 4.50 -3.54 5.35
N ASN C 87 3.98 -3.94 4.19
CA ASN C 87 3.20 -3.04 3.36
C ASN C 87 1.69 -3.26 3.48
N VAL C 88 1.25 -3.97 4.52
CA VAL C 88 -0.18 -4.06 4.78
C VAL C 88 -0.74 -2.66 4.99
N HIS C 89 -1.91 -2.40 4.43
CA HIS C 89 -2.53 -1.09 4.48
C HIS C 89 -3.16 -0.85 5.84
N LEU C 90 -2.76 0.23 6.51
CA LEU C 90 -3.34 0.64 7.79
C LEU C 90 -4.34 1.77 7.57
N PHE C 91 -5.37 1.80 8.41
CA PHE C 91 -6.38 2.83 8.39
C PHE C 91 -6.24 3.72 9.63
N ASN C 92 -6.54 5.01 9.44
CA ASN C 92 -6.64 5.93 10.57
C ASN C 92 -7.93 5.61 11.31
N ASP C 93 -7.88 4.60 12.17
CA ASP C 93 -9.09 4.00 12.74
C ASP C 93 -8.65 3.11 13.91
N THR C 94 -9.64 2.57 14.62
CA THR C 94 -9.33 1.75 15.79
C THR C 94 -8.52 0.52 15.40
N VAL C 95 -7.82 -0.05 16.40
CA VAL C 95 -7.14 -1.32 16.18
C VAL C 95 -8.13 -2.36 15.67
N ALA C 96 -9.30 -2.43 16.31
CA ALA C 96 -10.31 -3.41 15.91
C ALA C 96 -10.67 -3.25 14.44
N ASN C 97 -10.98 -2.03 14.01
CA ASN C 97 -11.35 -1.83 12.61
C ASN C 97 -10.19 -2.09 11.67
N ASN C 98 -8.95 -1.99 12.16
CA ASN C 98 -7.82 -2.39 11.34
C ASN C 98 -7.69 -3.89 11.22
N ILE C 99 -8.33 -4.65 12.11
CA ILE C 99 -8.31 -6.11 12.02
C ILE C 99 -9.47 -6.61 11.16
N ALA C 100 -10.68 -6.15 11.45
CA ALA C 100 -11.84 -6.50 10.63
C ALA C 100 -12.91 -5.45 10.88
N TYR C 101 -13.16 -4.59 9.90
CA TYR C 101 -14.25 -3.64 10.05
C TYR C 101 -15.54 -4.25 9.52
N ALA C 102 -16.67 -3.80 10.08
CA ALA C 102 -17.95 -4.42 9.78
C ALA C 102 -18.32 -4.21 8.30
N ARG C 103 -18.53 -5.29 7.59
CA ARG C 103 -18.96 -5.26 6.19
C ARG C 103 -20.46 -5.56 6.14
N THR C 104 -20.93 -6.48 5.29
CA THR C 104 -22.36 -6.84 5.34
C THR C 104 -22.71 -7.49 6.66
N GLU C 105 -21.74 -8.13 7.31
CA GLU C 105 -21.85 -8.63 8.66
C GLU C 105 -20.87 -7.89 9.55
N GLN C 106 -21.23 -7.74 10.83
CA GLN C 106 -20.34 -7.11 11.80
C GLN C 106 -19.60 -8.20 12.57
N TYR C 107 -18.27 -8.20 12.46
CA TYR C 107 -17.46 -9.16 13.20
C TYR C 107 -17.65 -8.94 14.69
N SER C 108 -17.85 -10.03 15.42
CA SER C 108 -17.98 -9.93 16.86
C SER C 108 -16.70 -9.42 17.50
N ARG C 109 -16.86 -8.72 18.62
CA ARG C 109 -15.70 -8.29 19.39
C ARG C 109 -14.85 -9.50 19.81
N GLU C 110 -15.50 -10.58 20.23
CA GLU C 110 -14.76 -11.77 20.65
C GLU C 110 -14.00 -12.40 19.48
N GLN C 111 -14.59 -12.37 18.29
CA GLN C 111 -13.88 -12.85 17.11
C GLN C 111 -12.63 -12.00 16.84
N ILE C 112 -12.76 -10.68 16.93
CA ILE C 112 -11.61 -9.82 16.72
C ILE C 112 -10.56 -10.06 17.79
N GLU C 113 -10.98 -10.09 19.05
CA GLU C 113 -10.07 -10.38 20.14
C GLU C 113 -9.37 -11.73 19.93
N GLU C 114 -10.13 -12.76 19.53
CA GLU C 114 -9.54 -14.07 19.28
C GLU C 114 -8.51 -14.02 18.15
N ALA C 115 -8.82 -13.33 17.05
CA ALA C 115 -7.85 -13.17 15.97
C ALA C 115 -6.60 -12.48 16.46
N ALA C 116 -6.76 -11.43 17.27
CA ALA C 116 -5.58 -10.72 17.75
C ALA C 116 -4.74 -11.63 18.65
N ARG C 117 -5.39 -12.46 19.46
CA ARG C 117 -4.67 -13.37 20.36
C ARG C 117 -3.89 -14.42 19.57
N MET C 118 -4.53 -15.06 18.59
CA MET C 118 -3.83 -15.99 17.72
C MET C 118 -2.64 -15.33 17.03
N ALA C 119 -2.74 -14.04 16.74
CA ALA C 119 -1.63 -13.30 16.15
C ALA C 119 -0.57 -12.91 17.18
N TYR C 120 -0.80 -13.22 18.46
CA TYR C 120 0.05 -12.75 19.55
C TYR C 120 0.18 -11.23 19.52
N ALA C 121 -0.94 -10.58 19.25
CA ALA C 121 -1.02 -9.13 19.22
C ALA C 121 -1.69 -8.55 20.45
N MET C 122 -2.40 -9.37 21.25
CA MET C 122 -3.17 -8.80 22.35
C MET C 122 -2.29 -8.26 23.46
N ASP C 123 -1.05 -8.75 23.56
CA ASP C 123 -0.16 -8.27 24.62
C ASP C 123 0.13 -6.79 24.42
N PHE C 124 0.57 -6.40 23.23
CA PHE C 124 0.82 -4.97 23.01
C PHE C 124 -0.47 -4.18 22.89
N ILE C 125 -1.56 -4.79 22.42
CA ILE C 125 -2.80 -4.03 22.28
C ILE C 125 -3.37 -3.66 23.64
N ASN C 126 -3.32 -4.59 24.60
CA ASN C 126 -3.80 -4.34 25.96
C ASN C 126 -2.97 -3.29 26.69
N LYS C 127 -1.80 -2.94 26.16
CA LYS C 127 -1.01 -1.86 26.73
C LYS C 127 -1.32 -0.51 26.06
N MET C 128 -2.10 -0.50 24.98
CA MET C 128 -2.54 0.76 24.40
C MET C 128 -3.63 1.40 25.27
N ASP C 129 -3.81 2.71 25.09
CA ASP C 129 -4.63 3.48 26.02
C ASP C 129 -6.07 2.98 26.07
N ASN C 130 -6.62 2.56 24.93
CA ASN C 130 -8.01 2.11 24.88
C ASN C 130 -8.12 0.70 24.31
N GLY C 131 -7.07 -0.11 24.47
CA GLY C 131 -7.14 -1.49 23.99
C GLY C 131 -7.42 -1.54 22.50
N LEU C 132 -8.36 -2.41 22.13
CA LEU C 132 -8.76 -2.52 20.74
C LEU C 132 -9.46 -1.25 20.23
N ASP C 133 -9.95 -0.41 21.13
CA ASP C 133 -10.59 0.82 20.71
C ASP C 133 -9.60 1.95 20.48
N THR C 134 -8.29 1.70 20.59
CA THR C 134 -7.32 2.75 20.39
C THR C 134 -7.22 3.09 18.91
N VAL C 135 -7.29 4.38 18.60
CA VAL C 135 -7.19 4.87 17.23
C VAL C 135 -5.71 5.02 16.88
N ILE C 136 -5.26 4.31 15.84
CA ILE C 136 -3.89 4.47 15.36
C ILE C 136 -3.86 5.59 14.32
N GLY C 137 -2.67 6.16 14.13
CA GLY C 137 -2.50 7.33 13.30
C GLY C 137 -2.77 8.64 14.01
N GLU C 138 -3.67 8.65 14.98
CA GLU C 138 -3.90 9.80 15.84
C GLU C 138 -3.00 9.71 17.07
N ASN C 139 -2.81 10.85 17.72
CA ASN C 139 -1.88 10.97 18.86
C ASN C 139 -0.49 10.53 18.39
N GLY C 140 0.32 10.02 19.30
CA GLY C 140 1.58 9.41 18.90
C GLY C 140 1.45 7.91 18.80
N VAL C 141 0.34 7.45 18.23
CA VAL C 141 0.04 6.01 18.15
C VAL C 141 0.40 5.57 16.73
N LEU C 142 1.64 5.11 16.56
CA LEU C 142 2.09 4.52 15.31
C LEU C 142 2.64 3.12 15.61
N LEU C 143 2.15 2.13 14.87
CA LEU C 143 2.57 0.75 15.09
C LEU C 143 4.02 0.56 14.68
N SER C 144 4.75 -0.25 15.46
CA SER C 144 6.06 -0.68 15.02
C SER C 144 5.91 -1.70 13.89
N GLY C 145 7.04 -2.06 13.29
CA GLY C 145 7.00 -3.05 12.23
C GLY C 145 6.49 -4.40 12.71
N GLY C 146 6.97 -4.85 13.88
CA GLY C 146 6.48 -6.11 14.42
C GLY C 146 5.01 -6.07 14.77
N GLN C 147 4.54 -4.96 15.34
CA GLN C 147 3.12 -4.81 15.65
C GLN C 147 2.27 -4.81 14.39
N ARG C 148 2.76 -4.17 13.32
CA ARG C 148 2.01 -4.11 12.07
C ARG C 148 1.90 -5.51 11.44
N GLN C 149 2.99 -6.29 11.50
CA GLN C 149 2.94 -7.66 10.98
C GLN C 149 1.89 -8.49 11.70
N ARG C 150 1.78 -8.34 13.01
CA ARG C 150 0.83 -9.13 13.77
C ARG C 150 -0.60 -8.63 13.57
N ILE C 151 -0.79 -7.31 13.44
CA ILE C 151 -2.09 -6.80 13.03
C ILE C 151 -2.50 -7.42 11.71
N ALA C 152 -1.56 -7.52 10.77
CA ALA C 152 -1.85 -8.10 9.46
C ALA C 152 -2.22 -9.57 9.56
N ILE C 153 -1.53 -10.31 10.44
CA ILE C 153 -1.88 -11.71 10.68
C ILE C 153 -3.32 -11.80 11.20
N ALA C 154 -3.66 -10.98 12.20
CA ALA C 154 -5.00 -11.02 12.76
C ALA C 154 -6.05 -10.65 11.71
N ARG C 155 -5.74 -9.66 10.87
CA ARG C 155 -6.68 -9.29 9.80
C ARG C 155 -6.87 -10.45 8.83
N ALA C 156 -5.78 -11.09 8.41
CA ALA C 156 -5.86 -12.16 7.42
C ALA C 156 -6.64 -13.36 7.95
N LEU C 157 -6.54 -13.62 9.26
CA LEU C 157 -7.28 -14.72 9.86
C LEU C 157 -8.78 -14.53 9.73
N LEU C 158 -9.25 -13.28 9.66
CA LEU C 158 -10.68 -12.99 9.55
C LEU C 158 -11.12 -12.67 8.13
N ARG C 159 -10.20 -12.63 7.17
CA ARG C 159 -10.56 -12.39 5.78
C ARG C 159 -10.86 -13.72 5.11
N ASP C 160 -11.81 -13.70 4.16
CA ASP C 160 -12.08 -14.89 3.37
C ASP C 160 -11.39 -14.85 2.01
N SER C 161 -10.38 -13.98 1.88
CA SER C 161 -9.62 -13.87 0.64
C SER C 161 -9.05 -15.23 0.23
N PRO C 162 -9.27 -15.67 -1.01
CA PRO C 162 -8.70 -16.97 -1.43
C PRO C 162 -7.19 -16.93 -1.65
N ILE C 163 -6.57 -15.75 -1.73
CA ILE C 163 -5.15 -15.63 -1.97
C ILE C 163 -4.48 -14.97 -0.78
N LEU C 164 -3.40 -15.60 -0.29
CA LEU C 164 -2.56 -15.07 0.77
C LEU C 164 -1.20 -14.71 0.22
N ILE C 165 -0.75 -13.50 0.51
CA ILE C 165 0.63 -13.08 0.25
C ILE C 165 1.28 -12.86 1.60
N LEU C 166 2.32 -13.64 1.87
CA LEU C 166 2.96 -13.65 3.18
C LEU C 166 4.44 -13.35 3.00
N ASP C 167 4.90 -12.28 3.63
CA ASP C 167 6.33 -11.97 3.70
C ASP C 167 6.75 -12.20 5.16
N GLU C 168 7.32 -13.37 5.42
CA GLU C 168 7.62 -13.78 6.80
C GLU C 168 8.59 -12.84 7.48
N ALA C 169 8.21 -12.33 8.64
CA ALA C 169 9.09 -11.51 9.47
C ALA C 169 9.59 -12.31 10.67
N THR C 170 10.00 -13.54 10.40
CA THR C 170 10.33 -14.48 11.46
C THR C 170 11.70 -14.24 12.08
N SER C 171 12.61 -13.61 11.34
CA SER C 171 13.94 -13.29 11.83
C SER C 171 13.86 -12.71 13.24
N ALA C 172 14.67 -13.28 14.14
CA ALA C 172 14.72 -12.94 15.56
C ALA C 172 13.46 -13.40 16.30
N LEU C 173 13.43 -14.68 16.71
CA LEU C 173 12.43 -15.24 17.62
C LEU C 173 12.69 -16.74 17.84
N ASP C 174 12.46 -17.23 19.06
CA ASP C 174 12.56 -18.65 19.37
C ASP C 174 11.92 -18.94 20.73
N THR C 175 10.59 -18.84 20.81
CA THR C 175 9.87 -18.88 22.06
C THR C 175 8.54 -19.59 21.84
N GLU C 176 7.70 -19.58 22.88
CA GLU C 176 6.29 -19.90 22.68
C GLU C 176 5.64 -18.92 21.70
N SER C 177 6.09 -17.66 21.70
CA SER C 177 5.54 -16.69 20.76
C SER C 177 5.91 -17.04 19.33
N GLU C 178 7.15 -17.45 19.10
CA GLU C 178 7.55 -17.93 17.78
C GLU C 178 6.70 -19.11 17.34
N ARG C 179 6.51 -20.09 18.22
CA ARG C 179 5.73 -21.27 17.86
C ARG C 179 4.26 -20.92 17.64
N ALA C 180 3.73 -19.93 18.38
CA ALA C 180 2.34 -19.54 18.16
C ALA C 180 2.18 -18.77 16.85
N ILE C 181 3.18 -17.97 16.48
CA ILE C 181 3.12 -17.28 15.19
C ILE C 181 3.10 -18.30 14.06
N GLN C 182 3.99 -19.30 14.14
CA GLN C 182 4.02 -20.35 13.14
C GLN C 182 2.68 -21.09 13.06
N ALA C 183 2.06 -21.34 14.22
CA ALA C 183 0.74 -21.97 14.20
C ALA C 183 -0.29 -21.06 13.55
N ALA C 184 -0.18 -19.75 13.76
CA ALA C 184 -1.07 -18.82 13.06
C ALA C 184 -0.81 -18.84 11.56
N LEU C 185 0.46 -18.79 11.16
CA LEU C 185 0.79 -18.79 9.74
C LEU C 185 0.35 -20.10 9.08
N ASP C 186 0.43 -21.22 9.81
CA ASP C 186 -0.09 -22.47 9.29
C ASP C 186 -1.61 -22.39 9.08
N GLU C 187 -2.33 -21.77 10.02
CA GLU C 187 -3.76 -21.61 9.85
C GLU C 187 -4.09 -20.66 8.69
N LEU C 188 -3.25 -19.64 8.46
CA LEU C 188 -3.49 -18.72 7.34
C LEU C 188 -3.44 -19.44 6.01
N GLN C 189 -2.40 -20.27 5.79
CA GLN C 189 -2.20 -20.88 4.48
C GLN C 189 -3.00 -22.15 4.30
N LYS C 190 -3.68 -22.60 5.35
CA LYS C 190 -4.50 -23.80 5.28
C LYS C 190 -5.70 -23.55 4.36
N ASN C 191 -5.80 -24.35 3.30
CA ASN C 191 -6.96 -24.32 2.40
C ASN C 191 -7.12 -22.94 1.76
N ARG C 192 -6.04 -22.46 1.14
CA ARG C 192 -6.07 -21.19 0.42
C ARG C 192 -4.79 -21.06 -0.38
N THR C 193 -4.86 -20.33 -1.49
CA THR C 193 -3.70 -20.11 -2.34
C THR C 193 -2.73 -19.17 -1.61
N SER C 194 -1.49 -19.63 -1.39
CA SER C 194 -0.53 -18.89 -0.58
C SER C 194 0.79 -18.72 -1.31
N LEU C 195 1.24 -17.48 -1.42
CA LEU C 195 2.56 -17.16 -1.97
C LEU C 195 3.40 -16.60 -0.82
N VAL C 196 4.47 -17.30 -0.45
CA VAL C 196 5.22 -16.98 0.76
C VAL C 196 6.63 -16.55 0.40
N ILE C 197 6.99 -15.33 0.77
CA ILE C 197 8.37 -14.89 0.82
C ILE C 197 8.94 -15.40 2.14
N ALA C 198 9.66 -16.52 2.10
CA ALA C 198 10.02 -17.21 3.33
C ALA C 198 11.48 -17.02 3.68
N HIS C 199 11.77 -17.15 4.98
CA HIS C 199 13.13 -17.15 5.52
C HIS C 199 13.35 -18.23 6.59
N ARG C 200 12.33 -18.96 7.02
CA ARG C 200 12.48 -19.94 8.09
C ARG C 200 12.31 -21.35 7.56
N LEU C 201 12.94 -22.30 8.27
CA LEU C 201 12.99 -23.67 7.78
C LEU C 201 11.61 -24.32 7.75
N SER C 202 10.75 -24.01 8.72
CA SER C 202 9.48 -24.73 8.81
C SER C 202 8.53 -24.31 7.70
N THR C 203 8.39 -23.00 7.45
CA THR C 203 7.50 -22.55 6.39
C THR C 203 7.98 -23.04 5.04
N ILE C 204 9.29 -23.21 4.89
CA ILE C 204 9.83 -23.68 3.63
C ILE C 204 9.47 -25.14 3.41
N GLU C 205 9.76 -26.00 4.39
CA GLU C 205 9.73 -27.45 4.15
C GLU C 205 8.32 -27.95 3.87
N LYS C 206 7.31 -27.36 4.49
CA LYS C 206 5.94 -27.82 4.32
C LYS C 206 5.27 -27.30 3.05
N ALA C 207 5.90 -26.38 2.32
CA ALA C 207 5.27 -25.82 1.13
C ALA C 207 5.06 -26.89 0.06
N ASP C 208 4.01 -26.71 -0.74
CA ASP C 208 3.79 -27.64 -1.85
C ASP C 208 4.91 -27.52 -2.89
N GLU C 209 5.47 -26.33 -3.04
CA GLU C 209 6.56 -26.12 -3.98
C GLU C 209 7.43 -24.97 -3.49
N ILE C 210 8.75 -25.14 -3.67
CA ILE C 210 9.72 -24.10 -3.35
C ILE C 210 10.32 -23.61 -4.65
N VAL C 211 10.42 -22.29 -4.81
CA VAL C 211 10.95 -21.69 -6.02
C VAL C 211 12.17 -20.86 -5.63
N VAL C 212 13.34 -21.26 -6.11
CA VAL C 212 14.56 -20.49 -5.89
C VAL C 212 14.70 -19.46 -6.99
N VAL C 213 14.85 -18.19 -6.60
CA VAL C 213 15.01 -17.07 -7.52
C VAL C 213 16.42 -16.51 -7.35
N GLU C 214 17.08 -16.21 -8.47
CA GLU C 214 18.41 -15.61 -8.43
C GLU C 214 18.51 -14.57 -9.54
N ASP C 215 18.84 -13.33 -9.15
CA ASP C 215 18.99 -12.21 -10.09
C ASP C 215 17.80 -12.13 -11.05
N GLY C 216 16.60 -12.21 -10.48
CA GLY C 216 15.37 -12.11 -11.26
C GLY C 216 14.95 -13.35 -12.02
N VAL C 217 15.65 -14.47 -11.85
CA VAL C 217 15.46 -15.65 -12.68
C VAL C 217 15.15 -16.84 -11.77
N ILE C 218 14.07 -17.55 -12.07
CA ILE C 218 13.77 -18.78 -11.35
C ILE C 218 14.77 -19.84 -11.79
N VAL C 219 15.56 -20.35 -10.84
CA VAL C 219 16.62 -21.28 -11.21
C VAL C 219 16.27 -22.72 -10.86
N GLU C 220 15.41 -22.91 -9.85
CA GLU C 220 15.10 -24.23 -9.31
C GLU C 220 13.72 -24.25 -8.66
N ARG C 221 12.97 -25.31 -8.91
CA ARG C 221 11.63 -25.51 -8.37
C ARG C 221 11.49 -26.93 -7.87
N GLY C 222 10.81 -27.13 -6.76
CA GLY C 222 10.54 -28.48 -6.30
C GLY C 222 10.13 -28.50 -4.84
N THR C 223 9.80 -29.70 -4.38
CA THR C 223 9.56 -29.90 -2.97
C THR C 223 10.88 -29.85 -2.19
N HIS C 224 10.76 -29.60 -0.89
CA HIS C 224 11.93 -29.64 0.00
C HIS C 224 12.77 -30.90 -0.22
N ASN C 225 12.16 -32.07 -0.09
CA ASN C 225 12.90 -33.32 -0.23
C ASN C 225 13.49 -33.45 -1.63
N ASP C 226 12.69 -33.18 -2.65
CA ASP C 226 13.22 -33.29 -4.01
C ASP C 226 14.37 -32.32 -4.24
N LEU C 227 14.24 -31.09 -3.72
CA LEU C 227 15.32 -30.11 -3.88
C LEU C 227 16.58 -30.53 -3.14
N LEU C 228 16.44 -31.16 -1.97
CA LEU C 228 17.62 -31.70 -1.30
C LEU C 228 18.24 -32.83 -2.12
N GLU C 229 17.41 -33.71 -2.68
CA GLU C 229 17.97 -34.77 -3.51
C GLU C 229 18.55 -34.24 -4.82
N HIS C 230 18.07 -33.07 -5.28
CA HIS C 230 18.60 -32.42 -6.47
C HIS C 230 20.06 -31.98 -6.30
N ARG C 231 20.52 -31.77 -5.06
CA ARG C 231 21.88 -31.33 -4.77
C ARG C 231 22.27 -30.11 -5.61
N GLY C 232 21.38 -29.13 -5.63
CA GLY C 232 21.58 -27.93 -6.43
C GLY C 232 21.64 -26.67 -5.60
N VAL C 233 20.97 -25.61 -6.06
CA VAL C 233 21.08 -24.33 -5.38
C VAL C 233 20.37 -24.37 -4.03
N TYR C 234 19.14 -24.89 -4.00
CA TYR C 234 18.41 -24.95 -2.73
C TYR C 234 19.15 -25.80 -1.71
N ALA C 235 19.68 -26.95 -2.15
CA ALA C 235 20.55 -27.76 -1.28
C ALA C 235 21.62 -26.90 -0.62
N GLN C 236 22.27 -26.03 -1.39
CA GLN C 236 23.31 -25.18 -0.82
C GLN C 236 22.72 -24.20 0.18
N LEU C 237 21.63 -23.53 -0.21
CA LEU C 237 20.96 -22.58 0.69
C LEU C 237 20.57 -23.23 2.00
N HIS C 238 19.85 -24.35 1.93
CA HIS C 238 19.39 -25.04 3.13
C HIS C 238 20.57 -25.42 4.02
N LYS C 239 21.69 -25.82 3.41
CA LYS C 239 22.83 -26.24 4.22
C LYS C 239 23.40 -25.07 5.02
N MET C 240 23.25 -23.84 4.53
CA MET C 240 23.75 -22.71 5.28
C MET C 240 22.90 -22.42 6.52
N GLN C 241 21.63 -22.80 6.53
CA GLN C 241 20.78 -22.75 7.71
C GLN C 241 20.69 -24.10 8.44
N PHE C 242 21.45 -25.10 8.00
CA PHE C 242 21.44 -26.46 8.59
C PHE C 242 21.63 -26.44 10.10
N GLY D 2 1.52 20.88 -9.43
CA GLY D 2 0.43 19.96 -9.76
C GLY D 2 -0.97 20.32 -9.28
N ASP D 3 -1.95 20.25 -10.16
CA ASP D 3 -3.35 20.52 -9.82
C ASP D 3 -4.05 19.21 -9.42
N VAL D 4 -4.81 19.25 -8.33
CA VAL D 4 -5.60 18.09 -7.88
C VAL D 4 -7.04 18.54 -7.65
N GLU D 5 -7.99 17.77 -8.19
CA GLU D 5 -9.40 18.13 -8.06
C GLU D 5 -10.28 16.89 -7.91
N PHE D 6 -11.10 16.90 -6.86
CA PHE D 6 -12.19 15.94 -6.69
C PHE D 6 -13.47 16.58 -7.21
N ARG D 7 -14.15 15.90 -8.14
CA ARG D 7 -15.43 16.35 -8.67
C ARG D 7 -16.50 15.32 -8.36
N ASN D 8 -17.47 15.71 -7.52
CA ASN D 8 -18.59 14.87 -7.11
C ASN D 8 -18.13 13.45 -6.73
N VAL D 9 -17.14 13.37 -5.84
CA VAL D 9 -16.54 12.07 -5.53
C VAL D 9 -17.31 11.39 -4.40
N THR D 10 -17.80 10.19 -4.66
CA THR D 10 -18.38 9.33 -3.65
C THR D 10 -17.58 8.04 -3.57
N PHE D 11 -17.32 7.58 -2.36
CA PHE D 11 -16.51 6.37 -2.16
C PHE D 11 -17.03 5.57 -0.98
N THR D 12 -17.04 4.25 -1.14
CA THR D 12 -17.47 3.31 -0.12
C THR D 12 -16.40 2.24 0.03
N TYR D 13 -15.94 1.99 1.26
CA TYR D 13 -14.95 0.95 1.45
C TYR D 13 -15.55 -0.40 1.11
N PRO D 14 -14.79 -1.30 0.49
CA PRO D 14 -15.34 -2.59 0.07
C PRO D 14 -16.01 -3.33 1.23
N GLY D 15 -17.21 -3.83 0.99
CA GLY D 15 -17.99 -4.50 1.99
C GLY D 15 -18.86 -3.61 2.84
N ARG D 16 -18.55 -2.32 2.95
CA ARG D 16 -19.36 -1.45 3.79
C ARG D 16 -20.69 -1.15 3.11
N ASP D 17 -21.68 -0.75 3.92
CA ASP D 17 -23.01 -0.44 3.43
C ASP D 17 -23.30 1.05 3.37
N VAL D 18 -22.48 1.88 3.98
CA VAL D 18 -22.63 3.34 3.90
C VAL D 18 -21.37 3.90 3.26
N PRO D 19 -21.45 5.03 2.55
CA PRO D 19 -20.24 5.60 1.94
C PRO D 19 -19.34 6.22 2.98
N ALA D 20 -18.04 6.17 2.70
CA ALA D 20 -17.07 6.90 3.52
C ALA D 20 -16.95 8.35 3.07
N LEU D 21 -17.23 8.65 1.80
CA LEU D 21 -17.21 10.00 1.27
C LEU D 21 -18.44 10.22 0.40
N ARG D 22 -19.03 11.41 0.48
CA ARG D 22 -20.26 11.74 -0.24
C ARG D 22 -20.09 13.04 -1.01
N ASN D 23 -20.11 12.95 -2.34
CA ASN D 23 -20.17 14.11 -3.24
C ASN D 23 -19.11 15.15 -2.90
N ILE D 24 -17.87 14.70 -2.79
CA ILE D 24 -16.77 15.57 -2.41
C ILE D 24 -16.38 16.40 -3.62
N ASN D 25 -16.39 17.73 -3.46
CA ASN D 25 -15.86 18.66 -4.43
C ASN D 25 -14.72 19.42 -3.78
N LEU D 26 -13.52 19.27 -4.33
CA LEU D 26 -12.32 19.79 -3.70
C LEU D 26 -11.34 20.15 -4.79
N LYS D 27 -10.96 21.41 -4.83
CA LYS D 27 -9.97 21.94 -5.75
C LYS D 27 -8.73 22.32 -4.95
N ILE D 28 -7.58 21.77 -5.31
CA ILE D 28 -6.30 22.22 -4.78
C ILE D 28 -5.46 22.68 -5.96
N PRO D 29 -5.44 23.99 -6.25
CA PRO D 29 -4.60 24.50 -7.34
C PRO D 29 -3.12 24.30 -7.05
N ALA D 30 -2.34 24.38 -8.13
CA ALA D 30 -0.90 24.17 -8.08
C ALA D 30 -0.23 25.01 -7.00
N GLY D 31 0.54 24.36 -6.14
CA GLY D 31 1.34 25.05 -5.15
C GLY D 31 0.62 25.40 -3.86
N LYS D 32 -0.66 25.09 -3.73
CA LYS D 32 -1.41 25.46 -2.55
C LYS D 32 -1.39 24.32 -1.55
N THR D 33 -1.60 24.68 -0.28
CA THR D 33 -1.70 23.70 0.79
C THR D 33 -3.12 23.73 1.32
N VAL D 34 -3.78 22.58 1.33
CA VAL D 34 -5.11 22.41 1.89
C VAL D 34 -4.99 21.47 3.09
N ALA D 35 -5.48 21.91 4.24
CA ALA D 35 -5.47 21.11 5.46
C ALA D 35 -6.86 20.51 5.67
N LEU D 36 -6.92 19.19 5.80
CA LEU D 36 -8.16 18.49 6.09
C LEU D 36 -8.29 18.25 7.58
N VAL D 37 -9.36 18.75 8.18
CA VAL D 37 -9.58 18.55 9.61
C VAL D 37 -10.93 17.89 9.82
N GLY D 38 -11.08 17.34 11.02
CA GLY D 38 -12.28 16.62 11.39
C GLY D 38 -11.94 15.47 12.32
N ARG D 39 -12.99 14.87 12.84
CA ARG D 39 -12.81 13.69 13.69
C ARG D 39 -12.17 12.55 12.90
N SER D 40 -11.37 11.75 13.60
CA SER D 40 -10.90 10.50 13.02
C SER D 40 -12.08 9.66 12.57
N GLY D 41 -11.98 9.08 11.39
CA GLY D 41 -13.14 8.41 10.82
C GLY D 41 -14.11 9.31 10.10
N SER D 42 -13.87 10.63 10.07
CA SER D 42 -14.73 11.54 9.32
C SER D 42 -14.58 11.39 7.82
N GLY D 43 -13.54 10.71 7.35
CA GLY D 43 -13.26 10.62 5.93
C GLY D 43 -12.12 11.49 5.45
N LYS D 44 -11.58 12.37 6.31
CA LYS D 44 -10.45 13.20 5.89
C LYS D 44 -9.28 12.35 5.41
N SER D 45 -8.97 11.26 6.13
CA SER D 45 -7.85 10.43 5.68
C SER D 45 -8.20 9.70 4.39
N THR D 46 -9.47 9.36 4.21
CA THR D 46 -9.91 8.71 2.98
C THR D 46 -9.68 9.61 1.77
N ILE D 47 -9.90 10.92 1.92
CA ILE D 47 -9.74 11.84 0.80
C ILE D 47 -8.30 11.81 0.31
N ALA D 48 -7.36 11.97 1.23
CA ALA D 48 -5.94 11.94 0.89
C ALA D 48 -5.53 10.60 0.33
N SER D 49 -6.05 9.50 0.90
CA SER D 49 -5.56 8.18 0.50
C SER D 49 -6.09 7.76 -0.87
N LEU D 50 -7.24 8.29 -1.31
CA LEU D 50 -7.74 8.00 -2.65
C LEU D 50 -6.78 8.46 -3.75
N ILE D 51 -5.95 9.46 -3.48
CA ILE D 51 -5.00 9.95 -4.48
C ILE D 51 -3.96 8.89 -4.80
N THR D 52 -3.68 7.99 -3.84
CA THR D 52 -2.72 6.92 -4.06
C THR D 52 -3.33 5.74 -4.80
N ARG D 53 -4.64 5.76 -5.06
CA ARG D 53 -5.33 4.72 -5.80
C ARG D 53 -5.16 3.34 -5.15
N PHE D 54 -5.10 3.30 -3.82
CA PHE D 54 -5.28 2.01 -3.17
C PHE D 54 -6.67 1.46 -3.44
N TYR D 55 -7.68 2.33 -3.49
CA TYR D 55 -9.01 2.04 -4.00
C TYR D 55 -9.37 3.04 -5.10
N ASP D 56 -10.37 2.69 -5.90
CA ASP D 56 -10.98 3.63 -6.85
C ASP D 56 -12.28 4.18 -6.28
N ILE D 57 -12.65 5.38 -6.72
CA ILE D 57 -13.88 6.01 -6.28
C ILE D 57 -15.09 5.25 -6.83
N ASP D 58 -16.22 5.35 -6.13
CA ASP D 58 -17.46 4.76 -6.64
C ASP D 58 -17.99 5.56 -7.82
N GLU D 59 -17.82 6.88 -7.77
CA GLU D 59 -18.54 7.78 -8.64
C GLU D 59 -17.84 9.12 -8.60
N GLY D 60 -17.97 9.87 -9.69
CA GLY D 60 -17.33 11.17 -9.78
C GLY D 60 -15.98 11.07 -10.45
N GLU D 61 -15.09 11.99 -10.13
CA GLU D 61 -13.83 12.10 -10.83
C GLU D 61 -12.77 12.68 -9.91
N ILE D 62 -11.57 12.12 -9.96
CA ILE D 62 -10.38 12.74 -9.38
C ILE D 62 -9.47 13.09 -10.53
N LEU D 63 -9.08 14.36 -10.62
CA LEU D 63 -8.25 14.85 -11.71
C LEU D 63 -6.90 15.28 -11.15
N MET D 64 -5.84 14.95 -11.86
CA MET D 64 -4.49 15.34 -11.50
C MET D 64 -3.90 16.02 -12.72
N ASP D 65 -3.56 17.31 -12.57
CA ASP D 65 -3.18 18.16 -13.69
C ASP D 65 -4.23 18.10 -14.80
N GLY D 66 -5.51 18.02 -14.40
CA GLY D 66 -6.58 18.00 -15.37
C GLY D 66 -6.81 16.68 -16.06
N HIS D 67 -6.18 15.59 -15.58
CA HIS D 67 -6.38 14.27 -16.14
C HIS D 67 -6.85 13.32 -15.05
N ASP D 68 -7.80 12.46 -15.39
CA ASP D 68 -8.33 11.51 -14.42
C ASP D 68 -7.23 10.60 -13.90
N LEU D 69 -7.22 10.40 -12.57
CA LEU D 69 -6.27 9.50 -11.91
C LEU D 69 -6.18 8.14 -12.60
N ARG D 70 -7.31 7.63 -13.09
CA ARG D 70 -7.29 6.28 -13.63
C ARG D 70 -6.62 6.20 -14.99
N GLU D 71 -6.30 7.35 -15.61
CA GLU D 71 -5.57 7.36 -16.87
C GLU D 71 -4.06 7.30 -16.70
N TYR D 72 -3.53 7.63 -15.53
CA TYR D 72 -2.08 7.54 -15.33
C TYR D 72 -1.64 6.09 -15.22
N THR D 73 -0.53 5.76 -15.88
CA THR D 73 0.16 4.52 -15.53
C THR D 73 0.55 4.56 -14.07
N LEU D 74 0.67 3.38 -13.45
CA LEU D 74 1.04 3.34 -12.03
C LEU D 74 2.40 3.97 -11.81
N ALA D 75 3.37 3.71 -12.69
CA ALA D 75 4.69 4.32 -12.56
C ALA D 75 4.59 5.84 -12.53
N SER D 76 3.77 6.42 -13.41
CA SER D 76 3.65 7.87 -13.41
C SER D 76 2.97 8.37 -12.14
N LEU D 77 1.99 7.62 -11.65
CA LEU D 77 1.30 8.01 -10.41
C LEU D 77 2.29 8.05 -9.24
N ARG D 78 3.10 7.01 -9.08
CA ARG D 78 4.07 7.02 -7.99
C ARG D 78 5.08 8.15 -8.14
N ASN D 79 5.42 8.53 -9.37
CA ASN D 79 6.37 9.62 -9.58
C ASN D 79 5.79 10.96 -9.18
N GLN D 80 4.47 11.14 -9.32
CA GLN D 80 3.86 12.44 -9.11
C GLN D 80 3.64 12.74 -7.63
N VAL D 81 3.42 11.72 -6.83
CA VAL D 81 2.92 11.86 -5.46
C VAL D 81 4.02 11.43 -4.49
N ALA D 82 4.28 12.25 -3.48
CA ALA D 82 5.09 11.84 -2.34
C ALA D 82 4.16 11.63 -1.15
N LEU D 83 4.10 10.40 -0.65
CA LEU D 83 3.24 10.05 0.47
C LEU D 83 4.07 10.04 1.75
N VAL D 84 3.70 10.92 2.69
CA VAL D 84 4.35 10.92 3.99
C VAL D 84 3.32 10.48 5.02
N SER D 85 3.30 9.18 5.31
CA SER D 85 2.30 8.59 6.20
C SER D 85 2.74 7.17 6.53
N GLN D 86 2.01 6.55 7.44
CA GLN D 86 2.26 5.17 7.83
C GLN D 86 2.09 4.20 6.67
N ASN D 87 1.51 4.65 5.53
CA ASN D 87 1.34 3.76 4.39
C ASN D 87 2.37 4.00 3.28
N VAL D 88 3.40 4.80 3.55
CA VAL D 88 4.51 4.90 2.61
C VAL D 88 4.99 3.48 2.27
N HIS D 89 5.27 3.26 0.99
CA HIS D 89 5.60 1.93 0.49
C HIS D 89 7.07 1.62 0.74
N LEU D 90 7.36 0.52 1.44
CA LEU D 90 8.72 0.13 1.76
C LEU D 90 9.17 -1.00 0.85
N PHE D 91 10.48 -1.08 0.63
CA PHE D 91 11.08 -2.12 -0.19
C PHE D 91 11.94 -3.01 0.69
N ASN D 92 11.95 -4.32 0.40
CA ASN D 92 12.93 -5.19 1.02
C ASN D 92 14.27 -4.88 0.37
N ASP D 93 14.98 -3.90 0.92
CA ASP D 93 16.16 -3.33 0.28
C ASP D 93 16.84 -2.44 1.32
N THR D 94 17.98 -1.85 0.95
CA THR D 94 18.70 -0.99 1.88
C THR D 94 17.89 0.26 2.21
N VAL D 95 18.29 0.91 3.30
CA VAL D 95 17.67 2.20 3.68
C VAL D 95 17.85 3.23 2.57
N ALA D 96 19.07 3.34 2.03
CA ALA D 96 19.32 4.32 0.97
C ALA D 96 18.40 4.08 -0.22
N ASN D 97 18.22 2.82 -0.62
CA ASN D 97 17.34 2.53 -1.74
C ASN D 97 15.87 2.82 -1.41
N ASN D 98 15.49 2.69 -0.13
CA ASN D 98 14.14 3.10 0.25
C ASN D 98 13.97 4.61 0.21
N ILE D 99 14.98 5.37 0.66
CA ILE D 99 14.89 6.82 0.57
C ILE D 99 14.83 7.26 -0.88
N ALA D 100 15.58 6.60 -1.76
CA ALA D 100 15.58 6.91 -3.17
C ALA D 100 14.36 6.37 -3.92
N TYR D 101 13.42 5.72 -3.24
CA TYR D 101 12.22 5.19 -3.90
C TYR D 101 12.58 4.19 -4.99
N ALA D 102 13.59 3.37 -4.72
CA ALA D 102 14.08 2.32 -5.61
C ALA D 102 14.68 2.85 -6.91
N ARG D 103 14.88 4.18 -7.02
CA ARG D 103 15.52 4.74 -8.21
C ARG D 103 17.02 4.75 -7.95
N THR D 104 17.74 3.83 -8.58
CA THR D 104 19.17 3.69 -8.36
C THR D 104 19.94 4.56 -9.34
N GLU D 105 21.03 5.16 -8.84
CA GLU D 105 21.92 6.00 -9.65
C GLU D 105 21.17 7.11 -10.37
N GLN D 106 20.01 7.50 -9.81
CA GLN D 106 19.35 8.74 -10.18
C GLN D 106 19.62 9.84 -9.17
N TYR D 107 20.09 9.48 -7.98
CA TYR D 107 20.52 10.41 -6.95
C TYR D 107 21.93 10.07 -6.52
N SER D 108 22.62 11.05 -5.96
CA SER D 108 23.94 10.81 -5.42
C SER D 108 23.85 10.34 -3.97
N ARG D 109 24.94 9.73 -3.51
CA ARG D 109 25.05 9.35 -2.11
C ARG D 109 24.84 10.56 -1.20
N GLU D 110 25.47 11.68 -1.53
CA GLU D 110 25.37 12.89 -0.71
C GLU D 110 23.93 13.41 -0.66
N GLN D 111 23.20 13.35 -1.77
CA GLN D 111 21.80 13.76 -1.75
C GLN D 111 20.98 12.86 -0.82
N ILE D 112 21.22 11.55 -0.89
CA ILE D 112 20.50 10.63 0.00
C ILE D 112 20.84 10.93 1.45
N GLU D 113 22.11 11.18 1.72
CA GLU D 113 22.52 11.45 3.11
C GLU D 113 21.97 12.79 3.60
N GLU D 114 21.99 13.81 2.75
CA GLU D 114 21.40 15.09 3.14
C GLU D 114 19.91 14.95 3.41
N ALA D 115 19.20 14.20 2.55
CA ALA D 115 17.77 14.02 2.79
C ALA D 115 17.53 13.28 4.10
N ALA D 116 18.35 12.25 4.39
CA ALA D 116 18.23 11.55 5.66
C ALA D 116 18.45 12.49 6.84
N ARG D 117 19.49 13.33 6.78
CA ARG D 117 19.74 14.24 7.90
C ARG D 117 18.64 15.28 8.04
N MET D 118 18.13 15.80 6.92
CA MET D 118 17.04 16.77 6.99
C MET D 118 15.77 16.17 7.58
N ALA D 119 15.60 14.84 7.48
CA ALA D 119 14.48 14.15 8.11
C ALA D 119 14.80 13.68 9.52
N TYR D 120 16.00 13.99 10.04
CA TYR D 120 16.43 13.51 11.36
C TYR D 120 16.31 11.99 11.45
N ALA D 121 16.55 11.30 10.34
CA ALA D 121 16.60 9.85 10.35
C ALA D 121 18.01 9.32 10.51
N MET D 122 19.02 10.16 10.27
CA MET D 122 20.39 9.69 10.25
C MET D 122 20.84 9.19 11.61
N ASP D 123 20.23 9.68 12.69
CA ASP D 123 20.62 9.24 14.02
C ASP D 123 20.34 7.75 14.21
N PHE D 124 19.11 7.30 13.92
CA PHE D 124 18.82 5.88 14.08
C PHE D 124 19.44 5.05 12.95
N ILE D 125 19.59 5.62 11.77
CA ILE D 125 20.24 4.90 10.68
C ILE D 125 21.69 4.59 11.05
N ASN D 126 22.37 5.55 11.69
CA ASN D 126 23.75 5.33 12.10
C ASN D 126 23.90 4.17 13.09
N LYS D 127 22.83 3.84 13.82
CA LYS D 127 22.91 2.74 14.79
C LYS D 127 22.77 1.37 14.14
N MET D 128 22.48 1.32 12.83
CA MET D 128 22.39 0.07 12.10
C MET D 128 23.77 -0.35 11.62
N ASP D 129 23.95 -1.68 11.48
CA ASP D 129 25.28 -2.25 11.31
C ASP D 129 26.00 -1.68 10.10
N ASN D 130 25.30 -1.56 8.98
CA ASN D 130 25.87 -1.04 7.74
C ASN D 130 25.25 0.31 7.34
N GLY D 131 24.80 1.06 8.33
CA GLY D 131 24.34 2.43 8.09
C GLY D 131 23.22 2.50 7.08
N LEU D 132 23.33 3.46 6.16
CA LEU D 132 22.37 3.64 5.07
C LEU D 132 22.24 2.39 4.22
N ASP D 133 23.26 1.54 4.19
CA ASP D 133 23.26 0.35 3.35
C ASP D 133 22.79 -0.90 4.09
N THR D 134 22.20 -0.75 5.27
CA THR D 134 21.57 -1.89 5.95
C THR D 134 20.28 -2.29 5.23
N VAL D 135 20.07 -3.59 5.05
CA VAL D 135 18.87 -4.09 4.40
C VAL D 135 17.73 -4.11 5.41
N ILE D 136 16.66 -3.35 5.14
CA ILE D 136 15.50 -3.35 6.02
C ILE D 136 14.44 -4.28 5.46
N GLY D 137 13.47 -4.61 6.29
CA GLY D 137 12.37 -5.44 5.85
C GLY D 137 12.53 -6.86 6.31
N GLU D 138 13.13 -7.69 5.46
CA GLU D 138 13.16 -9.13 5.68
C GLU D 138 14.59 -9.61 5.83
N ASN D 139 14.78 -10.53 6.78
CA ASN D 139 16.11 -10.89 7.28
C ASN D 139 16.87 -9.61 7.62
N GLY D 140 16.16 -8.65 8.17
CA GLY D 140 16.75 -7.40 8.53
C GLY D 140 15.95 -6.70 9.59
N VAL D 141 16.08 -5.39 9.61
CA VAL D 141 15.47 -4.55 10.63
C VAL D 141 14.03 -4.26 10.22
N LEU D 142 13.11 -4.42 11.16
CA LEU D 142 11.78 -3.83 11.02
C LEU D 142 11.83 -2.42 11.58
N LEU D 143 11.33 -1.46 10.81
CA LEU D 143 11.31 -0.07 11.24
C LEU D 143 10.22 0.16 12.28
N SER D 144 10.53 0.95 13.30
CA SER D 144 9.47 1.44 14.16
C SER D 144 8.56 2.39 13.38
N GLY D 145 7.42 2.74 13.97
CA GLY D 145 6.49 3.61 13.27
C GLY D 145 7.09 4.98 12.98
N GLY D 146 7.73 5.58 13.99
CA GLY D 146 8.35 6.88 13.78
C GLY D 146 9.53 6.85 12.83
N GLN D 147 10.27 5.73 12.82
CA GLN D 147 11.36 5.56 11.86
C GLN D 147 10.81 5.49 10.45
N ARG D 148 9.69 4.81 10.26
CA ARG D 148 9.08 4.72 8.94
C ARG D 148 8.60 6.09 8.47
N GLN D 149 8.03 6.89 9.37
CA GLN D 149 7.63 8.25 9.00
C GLN D 149 8.83 9.06 8.55
N ARG D 150 9.96 8.94 9.26
CA ARG D 150 11.12 9.75 8.91
C ARG D 150 11.76 9.28 7.61
N ILE D 151 11.71 7.97 7.32
CA ILE D 151 12.09 7.50 6.00
C ILE D 151 11.19 8.13 4.93
N ALA D 152 9.89 8.26 5.22
CA ALA D 152 8.99 8.88 4.25
C ALA D 152 9.31 10.35 4.05
N ILE D 153 9.62 11.06 5.14
CA ILE D 153 10.01 12.46 5.03
C ILE D 153 11.26 12.59 4.17
N ALA D 154 12.26 11.74 4.43
CA ALA D 154 13.51 11.80 3.67
C ALA D 154 13.25 11.52 2.19
N ARG D 155 12.44 10.51 1.88
CA ARG D 155 12.07 10.22 0.50
C ARG D 155 11.38 11.43 -0.15
N ALA D 156 10.44 12.04 0.57
CA ALA D 156 9.74 13.21 0.01
C ALA D 156 10.68 14.37 -0.20
N LEU D 157 11.58 14.61 0.77
CA LEU D 157 12.56 15.70 0.62
C LEU D 157 13.46 15.46 -0.57
N LEU D 158 13.84 14.19 -0.80
CA LEU D 158 14.77 13.89 -1.88
C LEU D 158 14.14 14.12 -3.24
N ARG D 159 12.87 13.71 -3.42
CA ARG D 159 12.30 13.61 -4.75
C ARG D 159 11.82 14.94 -5.31
N ASP D 160 11.45 15.90 -4.46
CA ASP D 160 10.94 17.21 -4.91
C ASP D 160 9.70 17.03 -5.81
N SER D 161 8.71 16.30 -5.30
CA SER D 161 7.58 15.87 -6.13
C SER D 161 6.50 16.96 -6.24
N PRO D 162 5.73 16.96 -7.34
CA PRO D 162 4.71 18.01 -7.51
C PRO D 162 3.54 17.91 -6.53
N ILE D 163 3.25 16.72 -5.99
CA ILE D 163 2.13 16.51 -5.09
C ILE D 163 2.67 15.90 -3.79
N LEU D 164 2.31 16.49 -2.66
CA LEU D 164 2.66 15.97 -1.34
C LEU D 164 1.38 15.60 -0.60
N ILE D 165 1.34 14.37 -0.07
CA ILE D 165 0.26 13.96 0.81
C ILE D 165 0.87 13.76 2.18
N LEU D 166 0.51 14.60 3.14
CA LEU D 166 1.16 14.64 4.44
C LEU D 166 0.15 14.29 5.52
N ASP D 167 0.37 13.14 6.18
CA ASP D 167 -0.43 12.74 7.33
C ASP D 167 0.36 13.10 8.58
N GLU D 168 0.07 14.28 9.15
CA GLU D 168 0.81 14.74 10.33
C GLU D 168 0.59 13.84 11.54
N ALA D 169 1.05 12.60 11.47
CA ALA D 169 0.97 11.70 12.59
C ALA D 169 1.95 12.13 13.68
N THR D 170 1.95 11.41 14.80
CA THR D 170 2.70 11.78 16.00
C THR D 170 2.55 13.26 16.30
N SER D 171 1.29 13.69 16.47
CA SER D 171 1.01 15.07 16.86
C SER D 171 1.60 15.39 18.22
N ALA D 172 1.90 14.39 19.05
CA ALA D 172 2.64 14.59 20.30
C ALA D 172 4.09 14.87 19.95
N LEU D 173 4.48 16.15 19.98
CA LEU D 173 5.80 16.60 19.54
C LEU D 173 6.27 17.73 20.46
N ASP D 174 7.57 17.76 20.75
CA ASP D 174 8.09 18.77 21.66
C ASP D 174 9.59 19.01 21.54
N THR D 175 10.40 17.94 21.55
CA THR D 175 11.83 18.08 21.73
C THR D 175 12.49 18.68 20.49
N GLU D 176 13.83 18.69 20.49
CA GLU D 176 14.58 19.44 19.48
C GLU D 176 14.55 18.76 18.12
N SER D 177 14.93 17.48 18.05
CA SER D 177 14.95 16.79 16.77
C SER D 177 13.55 16.70 16.15
N GLU D 178 12.50 16.76 16.96
CA GLU D 178 11.13 16.72 16.47
C GLU D 178 10.56 18.09 16.14
N ARG D 179 10.99 19.13 16.87
CA ARG D 179 10.64 20.49 16.51
C ARG D 179 11.11 20.82 15.10
N ALA D 180 12.35 20.44 14.78
CA ALA D 180 12.89 20.65 13.44
C ALA D 180 12.29 19.72 12.40
N ILE D 181 11.61 18.65 12.82
CA ILE D 181 10.82 17.86 11.88
C ILE D 181 9.68 18.71 11.34
N GLN D 182 8.93 19.35 12.24
CA GLN D 182 7.89 20.28 11.83
C GLN D 182 8.47 21.38 10.94
N ALA D 183 9.65 21.90 11.29
CA ALA D 183 10.28 22.91 10.45
C ALA D 183 10.62 22.34 9.07
N ALA D 184 11.12 21.10 9.03
CA ALA D 184 11.39 20.46 7.74
C ALA D 184 10.09 20.25 6.95
N LEU D 185 9.02 19.85 7.63
CA LEU D 185 7.74 19.68 6.93
C LEU D 185 7.20 21.01 6.43
N ASP D 186 7.38 22.08 7.23
CA ASP D 186 6.89 23.38 6.79
C ASP D 186 7.55 23.82 5.50
N GLU D 187 8.87 23.62 5.38
CA GLU D 187 9.53 24.02 4.14
C GLU D 187 9.14 23.10 2.99
N LEU D 188 8.98 21.79 3.26
CA LEU D 188 8.59 20.87 2.21
C LEU D 188 7.23 21.22 1.61
N GLN D 189 6.25 21.53 2.46
CA GLN D 189 4.91 21.79 1.93
C GLN D 189 4.84 23.13 1.19
N LYS D 190 5.68 24.10 1.58
CA LYS D 190 5.81 25.30 0.79
C LYS D 190 6.37 24.95 -0.60
N ASN D 191 5.88 25.64 -1.61
CA ASN D 191 6.28 25.46 -3.01
C ASN D 191 6.00 24.04 -3.48
N ARG D 192 4.78 23.58 -3.20
CA ARG D 192 4.34 22.24 -3.55
C ARG D 192 2.85 22.16 -3.30
N THR D 193 2.14 21.41 -4.14
CA THR D 193 0.73 21.11 -3.90
C THR D 193 0.63 20.09 -2.78
N SER D 194 0.10 20.50 -1.63
CA SER D 194 0.14 19.67 -0.45
C SER D 194 -1.26 19.49 0.11
N LEU D 195 -1.63 18.23 0.35
CA LEU D 195 -2.84 17.89 1.07
C LEU D 195 -2.41 17.36 2.42
N VAL D 196 -2.77 18.05 3.50
CA VAL D 196 -2.29 17.70 4.83
C VAL D 196 -3.45 17.17 5.66
N ILE D 197 -3.29 15.96 6.18
CA ILE D 197 -4.22 15.41 7.16
C ILE D 197 -3.81 15.98 8.52
N ALA D 198 -4.59 16.93 9.01
CA ALA D 198 -4.32 17.56 10.30
C ALA D 198 -4.85 16.67 11.42
N HIS D 199 -4.02 16.50 12.45
CA HIS D 199 -4.39 15.78 13.67
C HIS D 199 -4.28 16.63 14.92
N ARG D 200 -3.61 17.78 14.85
CA ARG D 200 -3.72 18.83 15.85
C ARG D 200 -4.03 20.13 15.14
N LEU D 201 -5.04 20.86 15.61
CA LEU D 201 -5.51 22.03 14.87
C LEU D 201 -4.45 23.12 14.79
N SER D 202 -3.61 23.26 15.83
CA SER D 202 -2.63 24.34 15.87
C SER D 202 -1.62 24.25 14.73
N THR D 203 -1.37 23.05 14.20
CA THR D 203 -0.35 22.88 13.18
C THR D 203 -0.78 23.32 11.79
N ILE D 204 -2.04 23.71 11.58
CA ILE D 204 -2.51 24.00 10.22
C ILE D 204 -3.13 25.38 10.10
N GLU D 205 -2.84 26.28 11.05
CA GLU D 205 -3.38 27.63 10.98
C GLU D 205 -2.89 28.38 9.75
N LYS D 206 -1.79 27.96 9.14
CA LYS D 206 -1.21 28.68 8.01
C LYS D 206 -1.58 28.08 6.66
N ALA D 207 -2.40 27.03 6.63
CA ALA D 207 -2.78 26.45 5.35
C ALA D 207 -3.55 27.48 4.52
N ASP D 208 -3.40 27.37 3.19
CA ASP D 208 -4.11 28.29 2.31
C ASP D 208 -5.61 28.11 2.41
N GLU D 209 -6.06 26.88 2.67
CA GLU D 209 -7.48 26.62 2.89
C GLU D 209 -7.60 25.46 3.86
N ILE D 210 -8.48 25.61 4.84
CA ILE D 210 -8.82 24.57 5.79
C ILE D 210 -10.19 24.00 5.42
N VAL D 211 -10.29 22.67 5.39
CA VAL D 211 -11.48 21.98 4.95
C VAL D 211 -11.94 21.04 6.06
N VAL D 212 -13.13 21.30 6.60
CA VAL D 212 -13.68 20.52 7.70
C VAL D 212 -14.53 19.40 7.14
N VAL D 213 -14.22 18.16 7.51
CA VAL D 213 -14.94 16.99 7.03
C VAL D 213 -15.68 16.38 8.20
N GLU D 214 -16.98 16.11 8.01
CA GLU D 214 -17.76 15.44 9.04
C GLU D 214 -18.62 14.36 8.38
N ASP D 215 -18.45 13.11 8.85
CA ASP D 215 -19.20 11.95 8.34
C ASP D 215 -19.09 11.84 6.81
N GLY D 216 -17.88 12.05 6.30
CA GLY D 216 -17.65 11.95 4.87
C GLY D 216 -18.17 13.11 4.05
N VAL D 217 -18.55 14.23 4.69
CA VAL D 217 -19.10 15.38 4.01
C VAL D 217 -18.29 16.62 4.41
N ILE D 218 -17.89 17.41 3.42
CA ILE D 218 -17.24 18.70 3.68
C ILE D 218 -18.30 19.67 4.18
N VAL D 219 -18.12 20.18 5.39
CA VAL D 219 -19.12 21.04 5.99
C VAL D 219 -18.71 22.52 6.00
N GLU D 220 -17.41 22.83 5.96
CA GLU D 220 -16.90 24.19 6.06
C GLU D 220 -15.54 24.26 5.39
N ARG D 221 -15.28 25.37 4.71
CA ARG D 221 -14.02 25.66 4.05
C ARG D 221 -13.66 27.12 4.29
N GLY D 222 -12.38 27.38 4.51
CA GLY D 222 -11.91 28.75 4.58
C GLY D 222 -10.53 28.84 5.18
N THR D 223 -10.05 30.07 5.28
CA THR D 223 -8.81 30.33 6.01
C THR D 223 -9.09 30.24 7.52
N HIS D 224 -8.00 30.13 8.28
CA HIS D 224 -8.11 30.05 9.73
C HIS D 224 -8.89 31.24 10.31
N ASN D 225 -8.51 32.47 9.92
CA ASN D 225 -9.16 33.66 10.47
C ASN D 225 -10.63 33.73 10.06
N ASP D 226 -10.90 33.52 8.77
CA ASP D 226 -12.28 33.56 8.30
C ASP D 226 -13.13 32.47 8.95
N LEU D 227 -12.55 31.29 9.19
CA LEU D 227 -13.31 30.23 9.82
C LEU D 227 -13.65 30.57 11.26
N LEU D 228 -12.75 31.25 11.98
CA LEU D 228 -13.05 31.68 13.34
C LEU D 228 -14.19 32.69 13.36
N GLU D 229 -14.11 33.70 12.48
CA GLU D 229 -15.22 34.65 12.39
C GLU D 229 -16.51 33.99 11.91
N HIS D 230 -16.42 32.84 11.25
CA HIS D 230 -17.62 32.14 10.78
C HIS D 230 -18.40 31.55 11.95
N ARG D 231 -17.73 31.26 13.06
CA ARG D 231 -18.35 30.76 14.30
C ARG D 231 -19.17 29.49 14.03
N GLY D 232 -18.57 28.56 13.29
CA GLY D 232 -19.23 27.31 12.97
C GLY D 232 -18.51 26.11 13.55
N VAL D 233 -18.34 25.09 12.74
CA VAL D 233 -17.74 23.85 13.24
C VAL D 233 -16.26 24.06 13.57
N TYR D 234 -15.51 24.68 12.65
CA TYR D 234 -14.09 24.90 12.92
C TYR D 234 -13.89 25.73 14.17
N ALA D 235 -14.71 26.77 14.36
CA ALA D 235 -14.61 27.57 15.58
C ALA D 235 -14.89 26.75 16.82
N GLN D 236 -15.81 25.78 16.74
CA GLN D 236 -16.06 24.90 17.89
C GLN D 236 -14.89 23.95 18.11
N LEU D 237 -14.36 23.36 17.03
CA LEU D 237 -13.16 22.55 17.16
C LEU D 237 -12.01 23.35 17.76
N HIS D 238 -12.03 24.68 17.61
CA HIS D 238 -11.06 25.54 18.26
C HIS D 238 -11.33 25.62 19.76
N LYS D 239 -11.68 24.49 20.36
CA LYS D 239 -11.73 24.32 21.81
C LYS D 239 -10.61 23.43 22.32
N MET D 240 -9.94 22.69 21.44
CA MET D 240 -8.83 21.83 21.80
C MET D 240 -7.53 22.57 22.02
N GLN D 241 -7.57 23.91 22.15
CA GLN D 241 -6.38 24.70 22.39
C GLN D 241 -6.53 25.57 23.63
#